data_1ME6
#
_entry.id   1ME6
#
_cell.length_a   141.930
_cell.length_b   141.930
_cell.length_c   97.820
_cell.angle_alpha   90.00
_cell.angle_beta   90.00
_cell.angle_gamma   120.00
#
_symmetry.space_group_name_H-M   'P 31 2 1'
#
loop_
_entity.id
_entity.type
_entity.pdbx_description
1 polymer 'Plasmepsin II'
2 non-polymer '3-HYDROXY-6-METHYL-4-(3-METHYL-2-(3-METHYL-2-(3-METHYL-BUTYRYLAMINO)-BUTYRYLAMINO)-BUTYRYLAMINO)-HEPTANOIC ACID ETHYL ESTER'
3 water water
#
_entity_poly.entity_id   1
_entity_poly.type   'polypeptide(L)'
_entity_poly.pdbx_seq_one_letter_code
;SSNDNIELVDFQNIMFYGDAEVGDNQQPFTFILDTGSANLWVPSVKCTTAGCLTKHLYDSSKSRTYEKDGTKVEMNYVSG
TVSGFFSKDLVTVGNLSLPYKFIEVIDTNGFEPTYTASTFDGILGLGWKDLSIGSVDPIVVELKNQNKIENALFTFYLPV
HDKHTGFLTIGGIEERFYEGPLTYEKLNHDLYWQITLDAHVGNIMLEKANCIVDSGTSAITVPTDFLNKMLQNLDVIKVP
FLPFYVTLCNNSKLPTFEFTSENGKYTLEPEYYLQHIEDVGPGLCMLNIIGLDFPVPTFILGDPFMRKYFTVFDYDNHSV
GIALAKKNL
;
_entity_poly.pdbx_strand_id   A,B
#
loop_
_chem_comp.id
_chem_comp.type
_chem_comp.name
_chem_comp.formula
IVS non-polymer '3-HYDROXY-6-METHYL-4-(3-METHYL-2-(3-METHYL-2-(3-METHYL-BUTYRYLAMINO)-BUTYRYLAMINO)-BUTYRYLAMINO)-HEPTANOIC ACID ETHYL ESTER' 'C25 H47 N3 O6'
#
# COMPACT_ATOMS: atom_id res chain seq x y z
N SER A 1 43.10 1.69 -1.40
CA SER A 1 42.17 0.62 -1.86
C SER A 1 41.88 -0.36 -0.72
N SER A 2 40.96 0.05 0.15
CA SER A 2 40.57 -0.74 1.32
C SER A 2 39.51 -1.78 0.98
N ASN A 3 38.98 -1.74 -0.23
CA ASN A 3 37.96 -2.71 -0.65
C ASN A 3 38.45 -3.64 -1.74
N ASP A 4 37.93 -4.86 -1.69
CA ASP A 4 38.25 -5.94 -2.60
C ASP A 4 37.90 -5.70 -4.07
N ASN A 5 38.91 -5.55 -4.92
CA ASN A 5 38.69 -5.33 -6.35
C ASN A 5 38.88 -6.60 -7.16
N ILE A 6 38.47 -6.57 -8.43
CA ILE A 6 38.60 -7.71 -9.33
C ILE A 6 38.61 -7.17 -10.74
N GLU A 7 39.74 -7.30 -11.41
CA GLU A 7 39.88 -6.79 -12.76
C GLU A 7 39.02 -7.53 -13.75
N LEU A 8 38.28 -6.77 -14.56
CA LEU A 8 37.40 -7.31 -15.59
C LEU A 8 38.09 -7.13 -16.92
N VAL A 9 37.89 -8.08 -17.81
CA VAL A 9 38.51 -8.01 -19.12
C VAL A 9 37.48 -8.06 -20.24
N ASP A 10 37.75 -7.28 -21.28
CA ASP A 10 36.87 -7.21 -22.43
C ASP A 10 36.82 -8.52 -23.23
N PHE A 11 35.61 -9.00 -23.47
CA PHE A 11 35.37 -10.20 -24.26
C PHE A 11 34.58 -9.85 -25.52
N GLN A 12 35.26 -9.84 -26.66
CA GLN A 12 34.61 -9.53 -27.92
C GLN A 12 33.92 -8.18 -27.92
N ASN A 13 34.51 -7.23 -27.21
CA ASN A 13 33.99 -5.87 -27.15
C ASN A 13 32.48 -5.77 -26.87
N ILE A 14 31.93 -6.69 -26.07
CA ILE A 14 30.51 -6.67 -25.73
C ILE A 14 30.30 -7.19 -24.31
N MET A 15 30.87 -8.37 -24.00
CA MET A 15 30.75 -8.94 -22.66
C MET A 15 32.06 -8.79 -21.91
N PHE A 16 32.15 -9.38 -20.73
CA PHE A 16 33.37 -9.28 -19.96
C PHE A 16 33.44 -10.37 -18.92
N TYR A 17 34.65 -10.76 -18.55
CA TYR A 17 34.85 -11.79 -17.55
C TYR A 17 35.75 -11.33 -16.43
N GLY A 18 35.72 -12.09 -15.33
CA GLY A 18 36.54 -11.79 -14.19
C GLY A 18 36.97 -13.15 -13.67
N ASP A 19 38.05 -13.20 -12.88
CA ASP A 19 38.53 -14.46 -12.35
C ASP A 19 38.24 -14.64 -10.86
N ALA A 20 38.24 -15.88 -10.41
CA ALA A 20 37.98 -16.23 -9.01
C ALA A 20 38.32 -17.71 -8.88
N GLU A 21 38.86 -18.13 -7.73
CA GLU A 21 39.20 -19.55 -7.58
C GLU A 21 38.38 -20.35 -6.57
N VAL A 22 38.47 -21.67 -6.67
CA VAL A 22 37.74 -22.57 -5.78
C VAL A 22 38.68 -23.60 -5.16
N GLY A 23 38.48 -23.89 -3.87
CA GLY A 23 39.34 -24.84 -3.17
C GLY A 23 40.42 -24.11 -2.39
N ASP A 24 40.96 -24.73 -1.34
CA ASP A 24 42.02 -24.08 -0.56
C ASP A 24 43.24 -23.84 -1.44
N ASN A 25 43.41 -24.68 -2.45
CA ASN A 25 44.51 -24.49 -3.40
C ASN A 25 43.84 -23.56 -4.43
N GLN A 26 44.61 -22.79 -5.18
CA GLN A 26 43.98 -21.85 -6.11
C GLN A 26 42.83 -22.40 -6.93
N GLN A 27 43.16 -23.08 -8.02
CA GLN A 27 42.13 -23.61 -8.92
C GLN A 27 41.35 -22.40 -9.40
N PRO A 28 41.94 -21.63 -10.33
CA PRO A 28 41.33 -20.43 -10.90
C PRO A 28 40.38 -20.78 -12.03
N PHE A 29 39.37 -19.94 -12.22
CA PHE A 29 38.39 -20.13 -13.29
C PHE A 29 38.06 -18.74 -13.79
N THR A 30 37.46 -18.66 -14.97
CA THR A 30 37.07 -17.39 -15.57
C THR A 30 35.55 -17.31 -15.52
N PHE A 31 35.02 -16.26 -14.92
CA PHE A 31 33.59 -16.18 -14.81
C PHE A 31 32.93 -15.04 -15.50
N ILE A 32 31.62 -15.18 -15.56
CA ILE A 32 30.75 -14.16 -16.09
C ILE A 32 30.14 -13.76 -14.74
N LEU A 33 30.42 -12.53 -14.31
CA LEU A 33 29.91 -12.02 -13.06
C LEU A 33 28.52 -11.50 -13.41
N ASP A 34 27.54 -12.37 -13.17
CA ASP A 34 26.15 -12.16 -13.51
C ASP A 34 25.22 -11.69 -12.38
N THR A 35 24.91 -10.40 -12.32
CA THR A 35 23.99 -9.87 -11.30
C THR A 35 22.56 -10.33 -11.61
N GLY A 36 22.43 -11.06 -12.72
CA GLY A 36 21.13 -11.56 -13.15
C GLY A 36 20.86 -12.98 -12.70
N SER A 37 21.74 -13.52 -11.86
CA SER A 37 21.53 -14.87 -11.31
C SER A 37 22.10 -14.87 -9.89
N ALA A 38 21.70 -15.86 -9.09
CA ALA A 38 22.17 -15.92 -7.71
C ALA A 38 22.87 -17.23 -7.36
N ASN A 39 23.47 -17.88 -8.36
CA ASN A 39 24.19 -19.13 -8.16
C ASN A 39 25.58 -19.14 -8.79
N LEU A 40 26.51 -19.82 -8.11
CA LEU A 40 27.89 -19.94 -8.59
C LEU A 40 28.18 -21.38 -8.98
N TRP A 41 28.45 -21.61 -10.25
CA TRP A 41 28.78 -22.94 -10.71
C TRP A 41 30.11 -22.95 -11.39
N VAL A 42 30.64 -24.15 -11.54
CA VAL A 42 31.95 -24.31 -12.13
C VAL A 42 32.07 -25.72 -12.73
N PRO A 43 32.79 -25.86 -13.86
CA PRO A 43 33.00 -27.14 -14.53
C PRO A 43 33.76 -28.12 -13.65
N SER A 44 33.16 -29.28 -13.40
CA SER A 44 33.81 -30.28 -12.57
C SER A 44 34.80 -31.10 -13.37
N VAL A 45 35.83 -31.57 -12.70
CA VAL A 45 36.82 -32.39 -13.35
C VAL A 45 36.06 -33.63 -13.82
N LYS A 46 34.86 -33.82 -13.26
CA LYS A 46 34.00 -34.96 -13.58
C LYS A 46 33.09 -34.73 -14.79
N CYS A 47 33.16 -33.54 -15.41
CA CYS A 47 32.31 -33.26 -16.57
C CYS A 47 32.62 -34.22 -17.72
N THR A 48 31.58 -34.70 -18.39
CA THR A 48 31.76 -35.63 -19.50
C THR A 48 31.35 -35.01 -20.81
N THR A 49 30.67 -33.87 -20.71
CA THR A 49 30.19 -33.14 -21.88
C THR A 49 31.31 -32.47 -22.69
N ALA A 50 31.12 -32.40 -24.00
CA ALA A 50 32.10 -31.82 -24.89
C ALA A 50 32.48 -30.37 -24.60
N GLY A 51 31.52 -29.55 -24.20
CA GLY A 51 31.81 -28.15 -23.95
C GLY A 51 32.85 -27.91 -22.88
N CYS A 52 33.20 -28.95 -22.15
CA CYS A 52 34.17 -28.84 -21.07
C CYS A 52 35.63 -28.96 -21.46
N LEU A 53 35.90 -29.51 -22.64
CA LEU A 53 37.26 -29.73 -23.14
C LEU A 53 38.17 -28.51 -23.16
N THR A 54 37.58 -27.37 -23.51
CA THR A 54 38.26 -26.09 -23.63
C THR A 54 38.39 -25.36 -22.29
N LYS A 55 37.70 -25.88 -21.28
CA LYS A 55 37.65 -25.26 -19.96
C LYS A 55 38.64 -25.70 -18.87
N HIS A 56 38.56 -24.97 -17.77
CA HIS A 56 39.32 -25.20 -16.56
C HIS A 56 38.34 -26.00 -15.74
N LEU A 57 38.80 -27.12 -15.18
CA LEU A 57 37.91 -27.97 -14.40
C LEU A 57 38.27 -27.99 -12.92
N TYR A 58 37.25 -28.25 -12.08
CA TYR A 58 37.41 -28.29 -10.64
C TYR A 58 37.66 -29.68 -10.05
N ASP A 59 38.76 -29.83 -9.34
CA ASP A 59 39.09 -31.10 -8.75
C ASP A 59 38.82 -31.06 -7.24
N SER A 60 37.65 -31.53 -6.83
CA SER A 60 37.32 -31.52 -5.40
C SER A 60 38.34 -32.29 -4.56
N SER A 61 38.85 -33.40 -5.10
CA SER A 61 39.82 -34.23 -4.39
C SER A 61 41.20 -33.58 -4.16
N LYS A 62 41.48 -32.46 -4.80
CA LYS A 62 42.76 -31.83 -4.60
C LYS A 62 42.65 -30.59 -3.71
N SER A 63 41.53 -30.49 -2.99
CA SER A 63 41.25 -29.38 -2.09
C SER A 63 40.86 -29.89 -0.71
N ARG A 64 41.72 -29.63 0.27
CA ARG A 64 41.51 -30.04 1.66
C ARG A 64 40.21 -29.45 2.21
N THR A 65 39.78 -28.35 1.61
CA THR A 65 38.59 -27.62 2.00
C THR A 65 37.27 -28.17 1.43
N TYR A 66 37.35 -28.97 0.38
CA TYR A 66 36.15 -29.52 -0.22
C TYR A 66 35.22 -30.10 0.85
N GLU A 67 33.92 -30.17 0.56
CA GLU A 67 32.94 -30.71 1.50
C GLU A 67 31.77 -31.29 0.74
N LYS A 68 31.86 -32.59 0.42
CA LYS A 68 30.81 -33.28 -0.35
C LYS A 68 29.38 -32.85 -0.05
N ASP A 69 28.51 -33.02 -1.05
CA ASP A 69 27.09 -32.69 -0.94
C ASP A 69 26.34 -33.63 -1.84
N GLY A 70 26.54 -33.48 -3.15
CA GLY A 70 25.89 -34.37 -4.11
C GLY A 70 24.46 -34.14 -4.57
N THR A 71 23.67 -33.33 -3.86
CA THR A 71 22.29 -33.11 -4.32
C THR A 71 22.38 -32.53 -5.71
N LYS A 72 21.72 -33.17 -6.67
CA LYS A 72 21.75 -32.71 -8.04
C LYS A 72 21.07 -31.36 -8.19
N VAL A 73 21.49 -30.59 -9.20
CA VAL A 73 20.92 -29.28 -9.47
C VAL A 73 20.87 -29.04 -10.97
N GLU A 74 19.99 -28.13 -11.37
CA GLU A 74 19.84 -27.75 -12.76
C GLU A 74 19.66 -26.24 -12.79
N MET A 75 20.68 -25.56 -13.32
CA MET A 75 20.68 -24.10 -13.40
C MET A 75 20.00 -23.72 -14.71
N ASN A 76 18.89 -23.01 -14.64
CA ASN A 76 18.18 -22.63 -15.87
C ASN A 76 18.38 -21.18 -16.22
N TYR A 77 18.76 -20.95 -17.48
CA TYR A 77 18.99 -19.60 -17.99
C TYR A 77 18.23 -19.43 -19.29
N VAL A 78 17.88 -18.19 -19.59
CA VAL A 78 17.17 -17.86 -20.82
C VAL A 78 17.99 -18.40 -22.01
N SER A 79 19.31 -18.42 -21.85
CA SER A 79 20.21 -18.89 -22.90
C SER A 79 20.62 -20.36 -22.85
N GLY A 80 20.53 -20.99 -21.69
CA GLY A 80 20.92 -22.39 -21.62
C GLY A 80 20.67 -23.01 -20.28
N THR A 81 21.00 -24.30 -20.18
CA THR A 81 20.82 -25.06 -18.95
C THR A 81 22.07 -25.85 -18.64
N VAL A 82 22.37 -25.94 -17.35
CA VAL A 82 23.55 -26.62 -16.86
C VAL A 82 23.20 -27.64 -15.77
N SER A 83 23.85 -28.80 -15.78
CA SER A 83 23.60 -29.85 -14.79
C SER A 83 24.81 -30.18 -13.94
N GLY A 84 24.56 -30.77 -12.77
CA GLY A 84 25.63 -31.11 -11.87
C GLY A 84 25.07 -31.37 -10.49
N PHE A 85 25.82 -31.00 -9.47
CA PHE A 85 25.39 -31.22 -8.10
C PHE A 85 26.07 -30.20 -7.21
N PHE A 86 25.49 -29.97 -6.02
CA PHE A 86 26.06 -29.03 -5.07
C PHE A 86 27.28 -29.63 -4.37
N SER A 87 28.23 -28.77 -4.02
CA SER A 87 29.46 -29.14 -3.32
C SER A 87 29.85 -27.86 -2.60
N LYS A 88 30.75 -27.94 -1.63
CA LYS A 88 31.14 -26.75 -0.90
C LYS A 88 32.64 -26.65 -0.77
N ASP A 89 33.17 -25.44 -0.81
CA ASP A 89 34.61 -25.25 -0.70
C ASP A 89 34.93 -23.77 -0.59
N LEU A 90 36.21 -23.47 -0.40
CA LEU A 90 36.68 -22.11 -0.24
C LEU A 90 36.71 -21.36 -1.57
N VAL A 91 35.83 -20.38 -1.68
CA VAL A 91 35.78 -19.59 -2.89
C VAL A 91 36.57 -18.31 -2.65
N THR A 92 37.54 -18.04 -3.52
CA THR A 92 38.37 -16.86 -3.38
C THR A 92 38.12 -15.82 -4.49
N VAL A 93 37.46 -14.72 -4.13
CA VAL A 93 37.18 -13.65 -5.09
C VAL A 93 38.04 -12.48 -4.66
N GLY A 94 38.84 -11.94 -5.58
CA GLY A 94 39.71 -10.85 -5.20
C GLY A 94 40.62 -11.43 -4.12
N ASN A 95 40.93 -10.66 -3.09
CA ASN A 95 41.79 -11.20 -2.02
C ASN A 95 40.98 -11.65 -0.80
N LEU A 96 39.74 -12.09 -1.04
CA LEU A 96 38.87 -12.56 0.03
C LEU A 96 38.38 -13.98 -0.22
N SER A 97 38.37 -14.80 0.83
CA SER A 97 37.93 -16.17 0.70
C SER A 97 36.80 -16.46 1.68
N LEU A 98 35.98 -17.45 1.34
CA LEU A 98 34.88 -17.85 2.20
C LEU A 98 34.32 -19.21 1.79
N PRO A 99 34.02 -20.07 2.77
CA PRO A 99 33.47 -21.39 2.46
C PRO A 99 32.12 -21.15 1.79
N TYR A 100 32.02 -21.45 0.51
CA TYR A 100 30.78 -21.21 -0.20
C TYR A 100 30.20 -22.48 -0.80
N LYS A 101 28.89 -22.47 -1.02
CA LYS A 101 28.19 -23.60 -1.62
C LYS A 101 28.00 -23.28 -3.10
N PHE A 102 28.44 -24.20 -3.95
CA PHE A 102 28.35 -23.99 -5.40
C PHE A 102 27.94 -25.26 -6.15
N ILE A 103 27.77 -25.13 -7.46
CA ILE A 103 27.39 -26.27 -8.28
C ILE A 103 28.59 -26.76 -9.08
N GLU A 104 28.84 -28.05 -9.02
CA GLU A 104 29.93 -28.66 -9.76
C GLU A 104 29.22 -29.16 -11.01
N VAL A 105 29.39 -28.48 -12.12
CA VAL A 105 28.72 -28.87 -13.35
C VAL A 105 29.42 -30.00 -14.05
N ILE A 106 28.63 -30.95 -14.55
CA ILE A 106 29.16 -32.11 -15.25
C ILE A 106 28.54 -32.27 -16.64
N ASP A 107 27.38 -31.65 -16.86
CA ASP A 107 26.74 -31.72 -18.18
C ASP A 107 26.46 -30.30 -18.68
N THR A 108 27.07 -29.93 -19.80
CA THR A 108 26.90 -28.60 -20.38
C THR A 108 26.25 -28.60 -21.76
N ASN A 109 25.67 -29.73 -22.16
CA ASN A 109 25.05 -29.86 -23.48
C ASN A 109 23.91 -28.91 -23.75
N GLY A 110 23.13 -28.55 -22.73
CA GLY A 110 22.02 -27.65 -22.91
C GLY A 110 22.39 -26.18 -22.88
N PHE A 111 23.70 -25.91 -22.96
CA PHE A 111 24.20 -24.54 -22.90
C PHE A 111 25.06 -24.25 -24.13
N GLU A 112 24.71 -24.87 -25.25
CA GLU A 112 25.44 -24.67 -26.51
C GLU A 112 24.52 -23.99 -27.51
N PRO A 113 25.10 -23.36 -28.54
CA PRO A 113 26.53 -23.23 -28.86
C PRO A 113 27.37 -22.35 -27.92
N THR A 114 26.71 -21.46 -27.19
CA THR A 114 27.35 -20.53 -26.28
C THR A 114 28.60 -20.98 -25.53
N TYR A 115 28.44 -21.97 -24.66
CA TYR A 115 29.56 -22.48 -23.86
C TYR A 115 30.84 -22.87 -24.62
N THR A 116 30.72 -23.72 -25.63
CA THR A 116 31.90 -24.13 -26.39
C THR A 116 32.53 -22.97 -27.15
N ALA A 117 31.69 -22.02 -27.57
CA ALA A 117 32.13 -20.84 -28.32
C ALA A 117 32.64 -19.69 -27.44
N SER A 118 32.54 -19.83 -26.12
CA SER A 118 32.97 -18.76 -25.22
C SER A 118 34.19 -19.14 -24.39
N THR A 119 34.86 -18.13 -23.85
CA THR A 119 36.07 -18.31 -23.06
C THR A 119 35.88 -18.49 -21.54
N PHE A 120 34.70 -18.21 -21.01
CA PHE A 120 34.49 -18.36 -19.58
C PHE A 120 34.26 -19.82 -19.19
N ASP A 121 34.54 -20.16 -17.94
CA ASP A 121 34.36 -21.52 -17.44
C ASP A 121 33.01 -21.70 -16.76
N GLY A 122 32.70 -20.77 -15.88
CA GLY A 122 31.45 -20.82 -15.14
C GLY A 122 30.86 -19.44 -14.96
N ILE A 123 29.78 -19.38 -14.20
CA ILE A 123 29.06 -18.13 -13.92
C ILE A 123 29.01 -17.89 -12.40
N LEU A 124 29.21 -16.64 -12.01
CA LEU A 124 29.17 -16.27 -10.61
C LEU A 124 27.96 -15.36 -10.40
N GLY A 125 26.95 -15.87 -9.72
CA GLY A 125 25.74 -15.08 -9.48
C GLY A 125 25.96 -13.95 -8.46
N LEU A 126 25.44 -12.77 -8.78
CA LEU A 126 25.56 -11.62 -7.89
C LEU A 126 24.18 -11.06 -7.54
N GLY A 127 23.15 -11.87 -7.72
CA GLY A 127 21.80 -11.42 -7.42
C GLY A 127 21.41 -11.62 -5.97
N TRP A 128 20.12 -11.84 -5.72
CA TRP A 128 19.62 -12.02 -4.35
C TRP A 128 19.31 -13.46 -4.01
N LYS A 129 19.42 -13.80 -2.73
CA LYS A 129 19.19 -15.15 -2.25
C LYS A 129 17.95 -15.81 -2.82
N ASP A 130 16.95 -15.00 -3.09
CA ASP A 130 15.69 -15.50 -3.61
C ASP A 130 15.75 -15.91 -5.07
N LEU A 131 16.76 -15.40 -5.78
CA LEU A 131 16.94 -15.71 -7.19
C LEU A 131 17.72 -17.02 -7.30
N SER A 132 18.38 -17.39 -6.18
CA SER A 132 19.20 -18.58 -6.11
C SER A 132 18.42 -19.87 -5.94
N ILE A 133 19.02 -20.96 -6.42
CA ILE A 133 18.43 -22.28 -6.29
C ILE A 133 19.21 -22.94 -5.17
N GLY A 134 18.50 -23.58 -4.24
CA GLY A 134 19.15 -24.19 -3.10
C GLY A 134 19.44 -23.11 -2.07
N SER A 135 18.58 -22.09 -2.04
CA SER A 135 18.66 -20.93 -1.14
C SER A 135 20.02 -20.66 -0.54
N VAL A 136 20.85 -20.00 -1.33
CA VAL A 136 22.21 -19.63 -0.95
C VAL A 136 22.27 -18.12 -0.75
N ASP A 137 22.83 -17.68 0.38
CA ASP A 137 22.95 -16.25 0.61
C ASP A 137 24.02 -15.69 -0.32
N PRO A 138 23.77 -14.52 -0.92
CA PRO A 138 24.72 -13.88 -1.82
C PRO A 138 26.12 -13.96 -1.23
N ILE A 139 27.14 -13.96 -2.08
CA ILE A 139 28.50 -14.03 -1.60
C ILE A 139 28.85 -12.80 -0.79
N VAL A 140 28.63 -11.64 -1.39
CA VAL A 140 28.91 -10.34 -0.77
C VAL A 140 28.20 -10.18 0.57
N VAL A 141 27.05 -10.82 0.69
CA VAL A 141 26.30 -10.74 1.94
C VAL A 141 27.03 -11.54 3.01
N GLU A 142 27.44 -12.77 2.68
CA GLU A 142 28.18 -13.59 3.64
C GLU A 142 29.41 -12.83 4.09
N LEU A 143 30.22 -12.36 3.14
CA LEU A 143 31.42 -11.62 3.45
C LEU A 143 31.18 -10.51 4.47
N LYS A 144 30.04 -9.84 4.38
CA LYS A 144 29.73 -8.76 5.30
C LYS A 144 29.58 -9.33 6.70
N ASN A 145 28.71 -10.33 6.86
CA ASN A 145 28.50 -10.96 8.17
C ASN A 145 29.85 -11.29 8.78
N GLN A 146 30.68 -11.95 7.99
CA GLN A 146 31.99 -12.36 8.42
C GLN A 146 32.94 -11.19 8.48
N ASN A 147 32.37 -10.00 8.67
CA ASN A 147 33.17 -8.78 8.77
C ASN A 147 34.33 -8.73 7.81
N LYS A 148 34.17 -9.37 6.65
CA LYS A 148 35.22 -9.40 5.64
C LYS A 148 35.18 -8.11 4.81
N ILE A 149 34.03 -7.45 4.80
CA ILE A 149 33.84 -6.18 4.09
C ILE A 149 32.97 -5.29 4.99
N GLU A 150 33.20 -3.98 4.92
CA GLU A 150 32.47 -2.98 5.71
C GLU A 150 30.95 -3.10 5.50
N ASN A 151 30.53 -2.79 4.29
CA ASN A 151 29.12 -2.83 3.90
C ASN A 151 28.92 -3.80 2.74
N ALA A 152 27.74 -4.42 2.70
CA ALA A 152 27.42 -5.39 1.67
C ALA A 152 27.00 -4.76 0.35
N LEU A 153 27.94 -4.19 -0.38
CA LEU A 153 27.67 -3.57 -1.66
C LEU A 153 28.81 -3.90 -2.62
N PHE A 154 28.49 -4.06 -3.89
CA PHE A 154 29.53 -4.31 -4.88
C PHE A 154 29.33 -3.31 -6.01
N THR A 155 30.42 -2.90 -6.61
CA THR A 155 30.40 -1.91 -7.67
C THR A 155 30.82 -2.50 -9.02
N PHE A 156 30.28 -1.94 -10.10
CA PHE A 156 30.62 -2.37 -11.45
C PHE A 156 31.04 -1.23 -12.36
N TYR A 157 32.28 -1.27 -12.80
CA TYR A 157 32.82 -0.29 -13.72
C TYR A 157 33.23 -1.13 -14.93
N LEU A 158 32.32 -1.29 -15.88
CA LEU A 158 32.62 -2.11 -17.05
C LEU A 158 33.80 -1.54 -17.82
N PRO A 159 34.62 -2.43 -18.40
CA PRO A 159 35.80 -2.06 -19.18
C PRO A 159 35.47 -1.62 -20.60
N VAL A 160 36.52 -1.34 -21.36
CA VAL A 160 36.41 -0.95 -22.76
C VAL A 160 37.65 -1.60 -23.37
N HIS A 161 37.42 -2.47 -24.35
CA HIS A 161 38.48 -3.23 -25.02
C HIS A 161 39.91 -2.69 -24.94
N ASP A 162 40.16 -1.56 -25.61
CA ASP A 162 41.50 -0.99 -25.61
C ASP A 162 41.70 0.25 -24.74
N LYS A 163 40.63 0.80 -24.20
CA LYS A 163 40.75 1.96 -23.35
C LYS A 163 41.23 1.54 -21.96
N HIS A 164 40.40 0.80 -21.23
CA HIS A 164 40.73 0.40 -19.87
C HIS A 164 40.09 -0.91 -19.46
N THR A 165 40.67 -1.57 -18.46
CA THR A 165 40.09 -2.79 -17.94
C THR A 165 38.91 -2.31 -17.10
N GLY A 166 38.16 -3.26 -16.53
CA GLY A 166 37.03 -2.88 -15.73
C GLY A 166 37.24 -3.37 -14.32
N PHE A 167 36.26 -3.14 -13.46
CA PHE A 167 36.40 -3.59 -12.09
C PHE A 167 35.12 -3.97 -11.40
N LEU A 168 35.23 -4.97 -10.55
CA LEU A 168 34.14 -5.43 -9.74
C LEU A 168 34.64 -5.11 -8.33
N THR A 169 34.33 -3.91 -7.85
CA THR A 169 34.76 -3.52 -6.54
C THR A 169 33.79 -4.08 -5.51
N ILE A 170 34.34 -4.59 -4.40
CA ILE A 170 33.51 -5.15 -3.34
C ILE A 170 33.63 -4.40 -2.01
N GLY A 171 32.48 -4.09 -1.42
CA GLY A 171 32.41 -3.38 -0.15
C GLY A 171 32.95 -1.97 -0.12
N GLY A 172 32.51 -1.12 -1.04
CA GLY A 172 33.00 0.23 -1.04
C GLY A 172 32.89 0.93 -2.39
N ILE A 173 32.59 2.22 -2.35
CA ILE A 173 32.44 2.99 -3.55
C ILE A 173 33.67 3.85 -3.78
N GLU A 174 34.28 3.68 -4.94
CA GLU A 174 35.48 4.43 -5.27
C GLU A 174 35.16 5.44 -6.35
N GLU A 175 35.40 6.70 -6.05
CA GLU A 175 35.12 7.77 -6.98
C GLU A 175 35.96 7.71 -8.25
N ARG A 176 37.06 6.97 -8.19
CA ARG A 176 37.92 6.83 -9.36
C ARG A 176 37.09 6.46 -10.60
N PHE A 177 36.08 5.62 -10.38
CA PHE A 177 35.20 5.10 -11.43
C PHE A 177 34.17 6.05 -12.04
N TYR A 178 33.49 6.83 -11.21
CA TYR A 178 32.47 7.71 -11.76
C TYR A 178 32.72 9.20 -11.61
N GLU A 179 31.99 9.98 -12.40
CA GLU A 179 32.07 11.42 -12.33
C GLU A 179 30.61 11.90 -12.21
N GLY A 180 30.38 12.92 -11.38
CA GLY A 180 29.03 13.40 -11.20
C GLY A 180 28.46 12.75 -9.94
N PRO A 181 27.21 13.06 -9.56
CA PRO A 181 26.60 12.48 -8.36
C PRO A 181 25.91 11.13 -8.56
N LEU A 182 26.02 10.29 -7.54
CA LEU A 182 25.37 8.99 -7.59
C LEU A 182 23.92 9.24 -7.21
N THR A 183 23.00 8.52 -7.86
CA THR A 183 21.58 8.65 -7.58
C THR A 183 21.07 7.25 -7.22
N TYR A 184 20.38 7.10 -6.10
CA TYR A 184 19.89 5.78 -5.73
C TYR A 184 18.44 5.52 -6.02
N GLU A 185 18.19 4.33 -6.54
CA GLU A 185 16.87 3.87 -6.90
C GLU A 185 16.61 2.60 -6.06
N LYS A 186 15.61 2.64 -5.19
CA LYS A 186 15.30 1.49 -4.35
C LYS A 186 14.83 0.32 -5.21
N LEU A 187 15.07 -0.90 -4.75
CA LEU A 187 14.66 -2.08 -5.49
C LEU A 187 13.20 -2.30 -5.22
N ASN A 188 12.43 -2.67 -6.25
CA ASN A 188 11.01 -2.94 -6.06
C ASN A 188 10.80 -4.37 -5.53
N HIS A 189 11.87 -5.17 -5.50
CA HIS A 189 11.85 -6.55 -4.98
C HIS A 189 13.27 -7.01 -4.71
N ASP A 190 13.45 -7.90 -3.75
CA ASP A 190 14.78 -8.44 -3.43
C ASP A 190 15.02 -9.72 -4.22
N LEU A 191 14.87 -9.67 -5.54
CA LEU A 191 15.08 -10.83 -6.40
C LEU A 191 16.25 -10.51 -7.32
N TYR A 192 15.98 -9.81 -8.41
CA TYR A 192 17.03 -9.36 -9.33
C TYR A 192 17.28 -7.95 -8.83
N TRP A 193 18.28 -7.28 -9.39
CA TRP A 193 18.52 -5.91 -8.98
C TRP A 193 17.58 -5.08 -9.85
N GLN A 194 16.29 -5.24 -9.55
CA GLN A 194 15.20 -4.60 -10.29
C GLN A 194 14.61 -3.37 -9.63
N ILE A 195 14.58 -2.27 -10.37
CA ILE A 195 14.05 -1.01 -9.88
C ILE A 195 12.92 -0.55 -10.82
N THR A 196 12.20 0.49 -10.43
CA THR A 196 11.10 1.00 -11.26
C THR A 196 11.40 2.36 -11.89
N LEU A 197 11.36 2.40 -13.22
CA LEU A 197 11.61 3.63 -13.95
C LEU A 197 10.58 3.79 -15.03
N ASP A 198 10.48 5.00 -15.57
CA ASP A 198 9.56 5.26 -16.67
C ASP A 198 10.38 5.08 -17.92
N ALA A 199 9.89 4.29 -18.86
CA ALA A 199 10.62 4.04 -20.09
C ALA A 199 10.07 4.85 -21.25
N HIS A 200 10.84 5.86 -21.63
CA HIS A 200 10.44 6.74 -22.72
C HIS A 200 11.47 6.67 -23.85
N VAL A 201 11.03 6.37 -25.06
CA VAL A 201 11.98 6.33 -26.17
C VAL A 201 11.83 7.53 -27.07
N GLY A 202 10.87 7.45 -27.99
CA GLY A 202 10.66 8.58 -28.88
C GLY A 202 9.37 9.19 -28.41
N ASN A 203 8.30 8.84 -29.10
CA ASN A 203 6.96 9.30 -28.79
C ASN A 203 6.34 8.24 -27.85
N ILE A 204 7.06 7.12 -27.68
CA ILE A 204 6.63 5.99 -26.85
C ILE A 204 7.01 6.05 -25.37
N MET A 205 6.02 5.79 -24.52
CA MET A 205 6.19 5.84 -23.07
C MET A 205 5.62 4.62 -22.34
N LEU A 206 6.43 3.97 -21.52
CA LEU A 206 5.97 2.84 -20.72
C LEU A 206 6.24 3.24 -19.27
N GLU A 207 5.19 3.66 -18.59
CA GLU A 207 5.32 4.11 -17.22
C GLU A 207 5.57 3.01 -16.20
N LYS A 208 6.51 3.31 -15.31
CA LYS A 208 6.89 2.42 -14.22
C LYS A 208 7.26 1.02 -14.65
N ALA A 209 7.95 0.91 -15.77
CA ALA A 209 8.40 -0.39 -16.24
C ALA A 209 9.36 -0.97 -15.21
N ASN A 210 9.46 -2.29 -15.19
CA ASN A 210 10.35 -2.97 -14.25
C ASN A 210 11.69 -3.03 -14.98
N CYS A 211 12.67 -2.31 -14.46
CA CYS A 211 13.98 -2.30 -15.09
C CYS A 211 14.99 -3.15 -14.33
N ILE A 212 15.50 -4.19 -14.98
CA ILE A 212 16.47 -5.07 -14.35
C ILE A 212 17.91 -4.77 -14.73
N VAL A 213 18.74 -4.41 -13.75
CA VAL A 213 20.14 -4.12 -14.04
C VAL A 213 20.89 -5.44 -14.06
N ASP A 214 21.25 -5.89 -15.26
CA ASP A 214 21.91 -7.17 -15.44
C ASP A 214 23.23 -7.08 -16.18
N SER A 215 24.31 -7.37 -15.47
CA SER A 215 25.65 -7.36 -16.04
C SER A 215 25.85 -8.61 -16.91
N GLY A 216 24.98 -9.60 -16.72
CA GLY A 216 25.09 -10.83 -17.48
C GLY A 216 24.36 -10.84 -18.82
N THR A 217 23.65 -9.77 -19.13
CA THR A 217 22.94 -9.69 -20.41
C THR A 217 23.71 -8.71 -21.30
N SER A 218 24.26 -9.22 -22.39
CA SER A 218 25.03 -8.42 -23.32
C SER A 218 24.23 -7.37 -24.07
N ALA A 219 22.90 -7.46 -24.03
CA ALA A 219 22.06 -6.52 -24.76
C ALA A 219 21.14 -5.70 -23.86
N ILE A 220 20.22 -4.98 -24.51
CA ILE A 220 19.21 -4.19 -23.81
C ILE A 220 17.90 -4.88 -24.17
N THR A 221 17.19 -5.37 -23.16
CA THR A 221 15.92 -6.04 -23.38
C THR A 221 14.80 -5.03 -23.31
N VAL A 222 13.85 -5.17 -24.21
CA VAL A 222 12.71 -4.28 -24.28
C VAL A 222 11.44 -5.08 -24.51
N PRO A 223 10.32 -4.68 -23.88
CA PRO A 223 9.12 -5.49 -24.14
C PRO A 223 8.78 -5.44 -25.63
N THR A 224 8.34 -6.59 -26.18
CA THR A 224 8.02 -6.73 -27.60
C THR A 224 7.21 -5.61 -28.24
N ASP A 225 6.06 -5.27 -27.67
CA ASP A 225 5.24 -4.21 -28.26
C ASP A 225 5.97 -2.88 -28.29
N PHE A 226 6.61 -2.57 -27.18
CA PHE A 226 7.36 -1.33 -27.07
C PHE A 226 8.38 -1.29 -28.20
N LEU A 227 9.08 -2.40 -28.41
CA LEU A 227 10.09 -2.50 -29.45
C LEU A 227 9.54 -2.29 -30.86
N ASN A 228 8.43 -2.95 -31.15
CA ASN A 228 7.79 -2.82 -32.46
C ASN A 228 7.40 -1.38 -32.76
N LYS A 229 6.65 -0.78 -31.86
CA LYS A 229 6.19 0.59 -32.04
C LYS A 229 7.40 1.50 -32.17
N MET A 230 8.46 1.11 -31.48
CA MET A 230 9.71 1.86 -31.49
C MET A 230 10.40 1.93 -32.85
N LEU A 231 10.38 0.82 -33.58
CA LEU A 231 11.04 0.71 -34.87
C LEU A 231 10.21 1.03 -36.11
N GLN A 232 9.00 1.55 -35.91
CA GLN A 232 8.08 1.87 -36.99
C GLN A 232 8.55 2.74 -38.14
N ASN A 233 8.71 4.04 -37.91
CA ASN A 233 9.15 4.89 -39.01
C ASN A 233 10.67 4.96 -39.05
N LEU A 234 11.31 4.17 -38.21
CA LEU A 234 12.76 4.15 -38.22
C LEU A 234 13.09 3.35 -39.44
N ASP A 235 14.21 3.66 -40.08
CA ASP A 235 14.61 2.94 -41.26
C ASP A 235 15.56 1.84 -40.82
N VAL A 236 15.03 0.91 -40.04
CA VAL A 236 15.80 -0.22 -39.54
C VAL A 236 15.27 -1.47 -40.23
N ILE A 237 16.17 -2.41 -40.50
CA ILE A 237 15.78 -3.63 -41.17
C ILE A 237 15.87 -4.83 -40.26
N LYS A 238 14.73 -5.45 -39.98
CA LYS A 238 14.75 -6.64 -39.16
C LYS A 238 14.81 -7.78 -40.16
N VAL A 239 15.88 -8.55 -40.19
CA VAL A 239 15.91 -9.65 -41.14
C VAL A 239 14.79 -10.61 -40.75
N PRO A 240 13.94 -10.99 -41.71
CA PRO A 240 12.82 -11.90 -41.47
C PRO A 240 13.11 -13.04 -40.51
N PHE A 241 12.21 -13.23 -39.54
CA PHE A 241 12.33 -14.27 -38.53
C PHE A 241 13.58 -14.25 -37.68
N LEU A 242 14.35 -13.18 -37.75
CA LEU A 242 15.56 -13.07 -36.94
C LEU A 242 15.58 -11.84 -36.05
N PRO A 243 16.15 -11.97 -34.85
CA PRO A 243 16.21 -10.81 -33.97
C PRO A 243 17.45 -10.02 -34.45
N PHE A 244 17.50 -9.76 -35.75
CA PHE A 244 18.63 -9.06 -36.36
C PHE A 244 18.19 -7.72 -36.98
N TYR A 245 18.55 -6.62 -36.31
CA TYR A 245 18.15 -5.29 -36.78
C TYR A 245 19.35 -4.47 -37.27
N VAL A 246 19.34 -4.14 -38.56
CA VAL A 246 20.41 -3.39 -39.20
C VAL A 246 20.06 -1.97 -39.61
N THR A 247 21.03 -1.08 -39.44
CA THR A 247 20.92 0.33 -39.81
C THR A 247 22.24 0.93 -40.17
N LEU A 248 22.11 2.10 -40.76
CA LEU A 248 23.23 2.91 -41.14
C LEU A 248 23.58 3.39 -39.73
N CYS A 249 24.84 3.28 -39.30
CA CYS A 249 25.21 3.73 -37.95
C CYS A 249 24.90 5.21 -37.87
N ASN A 250 24.87 5.85 -39.03
CA ASN A 250 24.61 7.27 -39.20
C ASN A 250 23.13 7.59 -39.28
N ASN A 251 22.28 6.56 -39.30
CA ASN A 251 20.84 6.78 -39.36
C ASN A 251 20.48 7.87 -38.35
N SER A 252 20.03 9.00 -38.86
CA SER A 252 19.67 10.15 -38.04
C SER A 252 18.35 10.02 -37.31
N LYS A 253 17.59 8.96 -37.57
CA LYS A 253 16.31 8.79 -36.91
C LYS A 253 16.38 8.01 -35.60
N LEU A 254 17.50 7.32 -35.36
CA LEU A 254 17.65 6.53 -34.14
C LEU A 254 17.44 7.33 -32.88
N PRO A 255 16.53 6.86 -32.00
CA PRO A 255 16.18 7.50 -30.73
C PRO A 255 17.14 7.23 -29.58
N THR A 256 16.99 8.01 -28.52
CA THR A 256 17.80 7.88 -27.32
C THR A 256 16.85 7.38 -26.24
N PHE A 257 17.24 6.34 -25.51
CA PHE A 257 16.38 5.84 -24.45
C PHE A 257 16.43 6.80 -23.28
N GLU A 258 15.31 6.86 -22.56
CA GLU A 258 15.22 7.76 -21.43
C GLU A 258 14.44 7.11 -20.31
N PHE A 259 15.16 6.75 -19.26
CA PHE A 259 14.57 6.13 -18.08
C PHE A 259 14.64 7.16 -16.99
N THR A 260 13.49 7.45 -16.40
CA THR A 260 13.42 8.45 -15.36
C THR A 260 12.69 8.01 -14.09
N SER A 261 13.16 8.57 -12.97
CA SER A 261 12.60 8.33 -11.65
C SER A 261 12.46 9.74 -11.11
N GLU A 262 12.16 9.89 -9.82
CA GLU A 262 12.05 11.23 -9.26
C GLU A 262 13.42 11.77 -8.90
N ASN A 263 14.39 10.87 -8.72
CA ASN A 263 15.74 11.27 -8.33
C ASN A 263 16.64 11.54 -9.52
N GLY A 264 16.27 11.00 -10.68
CA GLY A 264 17.10 11.24 -11.83
C GLY A 264 16.59 10.61 -13.10
N LYS A 265 17.29 10.91 -14.19
CA LYS A 265 16.95 10.37 -15.50
C LYS A 265 18.26 9.84 -16.10
N TYR A 266 18.16 8.68 -16.73
CA TYR A 266 19.31 8.03 -17.33
C TYR A 266 18.97 7.83 -18.78
N THR A 267 19.88 8.21 -19.68
CA THR A 267 19.63 8.06 -21.10
C THR A 267 20.67 7.12 -21.70
N LEU A 268 20.30 6.49 -22.81
CA LEU A 268 21.19 5.58 -23.51
C LEU A 268 21.00 5.91 -24.97
N GLU A 269 21.93 6.65 -25.54
CA GLU A 269 21.83 7.04 -26.92
C GLU A 269 22.44 6.06 -27.89
N PRO A 270 22.10 6.19 -29.18
CA PRO A 270 22.57 5.33 -30.27
C PRO A 270 24.00 4.79 -30.13
N GLU A 271 24.94 5.68 -29.85
CA GLU A 271 26.33 5.27 -29.73
C GLU A 271 26.50 4.15 -28.71
N TYR A 272 25.58 4.06 -27.76
CA TYR A 272 25.69 3.03 -26.73
C TYR A 272 25.00 1.71 -27.04
N TYR A 273 23.86 1.76 -27.74
CA TYR A 273 23.18 0.52 -28.04
C TYR A 273 23.40 0.03 -29.47
N LEU A 274 24.33 0.63 -30.20
CA LEU A 274 24.59 0.18 -31.58
C LEU A 274 25.87 -0.63 -31.64
N GLN A 275 25.85 -1.72 -32.42
CA GLN A 275 27.04 -2.55 -32.60
C GLN A 275 27.46 -2.45 -34.06
N HIS A 276 28.73 -2.14 -34.30
CA HIS A 276 29.24 -2.01 -35.68
C HIS A 276 29.23 -3.33 -36.40
N ILE A 277 28.76 -3.30 -37.63
CA ILE A 277 28.66 -4.49 -38.43
C ILE A 277 29.30 -4.25 -39.79
N GLU A 278 30.46 -3.62 -39.73
CA GLU A 278 31.27 -3.26 -40.90
C GLU A 278 31.54 -4.39 -41.88
N ASP A 279 32.00 -5.53 -41.39
CA ASP A 279 32.29 -6.67 -42.27
C ASP A 279 31.06 -7.10 -43.04
N VAL A 280 29.89 -6.89 -42.43
CA VAL A 280 28.64 -7.21 -43.09
C VAL A 280 28.48 -6.24 -44.24
N GLY A 281 28.59 -4.96 -43.92
CA GLY A 281 28.48 -3.92 -44.92
C GLY A 281 29.01 -2.60 -44.37
N PRO A 282 29.58 -1.74 -45.21
CA PRO A 282 30.12 -0.43 -44.80
C PRO A 282 29.11 0.49 -44.08
N GLY A 283 29.60 1.22 -43.08
CA GLY A 283 28.75 2.13 -42.31
C GLY A 283 27.46 1.49 -41.84
N LEU A 284 27.54 0.20 -41.52
CA LEU A 284 26.38 -0.59 -41.09
C LEU A 284 26.42 -0.95 -39.62
N CYS A 285 25.27 -0.93 -38.97
CA CYS A 285 25.20 -1.23 -37.55
C CYS A 285 24.01 -2.13 -37.23
N MET A 286 24.11 -2.86 -36.11
CA MET A 286 23.00 -3.69 -35.64
C MET A 286 22.61 -3.08 -34.31
N LEU A 287 21.40 -3.37 -33.84
CA LEU A 287 20.94 -2.76 -32.60
C LEU A 287 21.33 -3.31 -31.24
N ASN A 288 21.66 -4.59 -31.12
CA ASN A 288 22.03 -5.08 -29.78
C ASN A 288 20.90 -4.76 -28.80
N ILE A 289 19.68 -4.88 -29.31
CA ILE A 289 18.45 -4.67 -28.59
C ILE A 289 17.65 -5.91 -28.88
N ILE A 290 16.98 -6.45 -27.88
CA ILE A 290 16.20 -7.67 -28.06
C ILE A 290 14.77 -7.54 -27.59
N GLY A 291 13.85 -8.16 -28.31
CA GLY A 291 12.46 -8.13 -27.92
C GLY A 291 12.26 -9.24 -26.89
N LEU A 292 11.85 -8.90 -25.68
CA LEU A 292 11.66 -9.90 -24.65
C LEU A 292 10.56 -9.48 -23.69
N ASP A 293 9.52 -10.30 -23.59
CA ASP A 293 8.40 -10.01 -22.69
C ASP A 293 8.43 -10.82 -21.40
N PHE A 294 8.19 -10.15 -20.28
CA PHE A 294 8.14 -10.81 -18.99
C PHE A 294 6.68 -10.73 -18.52
N PRO A 295 6.36 -11.40 -17.40
CA PRO A 295 4.99 -11.37 -16.88
C PRO A 295 4.54 -9.93 -16.70
N VAL A 296 5.49 -9.05 -16.38
CA VAL A 296 5.20 -7.65 -16.20
C VAL A 296 6.18 -6.89 -17.08
N PRO A 297 5.68 -5.91 -17.86
CA PRO A 297 6.52 -5.12 -18.75
C PRO A 297 7.89 -4.81 -18.14
N THR A 298 8.91 -5.48 -18.64
CA THR A 298 10.29 -5.35 -18.13
C THR A 298 11.36 -4.99 -19.16
N PHE A 299 12.32 -4.17 -18.74
CA PHE A 299 13.44 -3.78 -19.57
C PHE A 299 14.66 -4.34 -18.86
N ILE A 300 15.56 -5.00 -19.60
CA ILE A 300 16.76 -5.48 -18.94
C ILE A 300 17.84 -4.51 -19.35
N LEU A 301 18.32 -3.74 -18.39
CA LEU A 301 19.38 -2.78 -18.64
C LEU A 301 20.70 -3.53 -18.51
N GLY A 302 21.08 -4.25 -19.57
CA GLY A 302 22.31 -5.03 -19.56
C GLY A 302 23.59 -4.25 -19.79
N ASP A 303 24.65 -4.97 -20.17
CA ASP A 303 25.97 -4.39 -20.40
C ASP A 303 26.01 -3.05 -21.10
N PRO A 304 25.25 -2.89 -22.20
CA PRO A 304 25.25 -1.62 -22.93
C PRO A 304 24.97 -0.42 -22.00
N PHE A 305 24.05 -0.63 -21.06
CA PHE A 305 23.69 0.40 -20.11
C PHE A 305 24.85 0.61 -19.13
N MET A 306 25.26 -0.48 -18.49
CA MET A 306 26.34 -0.44 -17.51
C MET A 306 27.68 0.05 -18.10
N ARG A 307 27.87 -0.10 -19.40
CA ARG A 307 29.11 0.34 -20.02
C ARG A 307 29.15 1.85 -19.96
N LYS A 308 27.98 2.48 -19.92
CA LYS A 308 27.88 3.94 -19.85
C LYS A 308 27.77 4.44 -18.41
N TYR A 309 27.08 3.66 -17.58
CA TYR A 309 26.88 4.06 -16.21
C TYR A 309 27.53 3.17 -15.16
N PHE A 310 28.36 3.80 -14.34
CA PHE A 310 28.99 3.10 -13.25
C PHE A 310 27.80 2.71 -12.36
N THR A 311 27.80 1.50 -11.83
CA THR A 311 26.69 1.07 -10.99
C THR A 311 27.08 0.53 -9.62
N VAL A 312 26.27 0.88 -8.62
CA VAL A 312 26.50 0.45 -7.24
C VAL A 312 25.34 -0.44 -6.81
N PHE A 313 25.64 -1.63 -6.30
CA PHE A 313 24.59 -2.55 -5.89
C PHE A 313 24.62 -2.75 -4.38
N ASP A 314 23.72 -2.04 -3.71
CA ASP A 314 23.61 -2.06 -2.26
C ASP A 314 22.62 -3.09 -1.71
N TYR A 315 23.13 -4.08 -0.99
CA TYR A 315 22.29 -5.12 -0.39
C TYR A 315 21.69 -4.57 0.91
N ASP A 316 22.54 -3.96 1.73
CA ASP A 316 22.12 -3.40 3.00
C ASP A 316 21.01 -2.35 2.83
N ASN A 317 21.12 -1.54 1.79
CA ASN A 317 20.10 -0.52 1.59
C ASN A 317 19.10 -0.87 0.50
N HIS A 318 19.18 -2.09 0.00
CA HIS A 318 18.28 -2.58 -1.03
C HIS A 318 18.06 -1.60 -2.17
N SER A 319 19.13 -1.12 -2.79
CA SER A 319 18.96 -0.18 -3.88
C SER A 319 20.11 -0.22 -4.86
N VAL A 320 19.98 0.53 -5.96
CA VAL A 320 21.01 0.60 -6.98
C VAL A 320 21.44 2.06 -7.18
N GLY A 321 22.74 2.30 -7.14
CA GLY A 321 23.25 3.65 -7.33
C GLY A 321 23.74 3.78 -8.76
N ILE A 322 23.41 4.89 -9.41
CA ILE A 322 23.79 5.10 -10.79
C ILE A 322 24.49 6.43 -10.99
N ALA A 323 25.56 6.39 -11.77
CA ALA A 323 26.34 7.58 -12.07
C ALA A 323 27.14 7.34 -13.35
N LEU A 324 27.43 8.41 -14.05
CA LEU A 324 28.20 8.33 -15.28
C LEU A 324 29.61 7.78 -14.98
N ALA A 325 30.03 6.76 -15.72
CA ALA A 325 31.36 6.17 -15.51
C ALA A 325 32.40 7.06 -16.17
N LYS A 326 33.59 7.11 -15.59
CA LYS A 326 34.65 7.93 -16.17
C LYS A 326 34.99 7.41 -17.57
N LYS A 327 35.15 8.32 -18.53
CA LYS A 327 35.48 7.91 -19.89
C LYS A 327 36.77 7.12 -19.83
N ASN A 328 37.50 7.31 -18.74
CA ASN A 328 38.75 6.60 -18.55
C ASN A 328 39.35 6.79 -17.16
N LEU A 329 39.81 5.69 -16.57
CA LEU A 329 40.41 5.72 -15.24
C LEU A 329 41.74 6.47 -15.23
N SER B 1 -19.24 1.86 38.85
CA SER B 1 -19.22 1.82 37.36
C SER B 1 -18.84 0.44 36.82
N SER B 2 -19.83 -0.46 36.80
CA SER B 2 -19.64 -1.83 36.30
C SER B 2 -19.84 -1.76 34.80
N ASN B 3 -20.37 -0.63 34.36
CA ASN B 3 -20.64 -0.38 32.95
C ASN B 3 -19.35 0.09 32.30
N ASP B 4 -19.14 -0.31 31.04
CA ASP B 4 -17.92 0.16 30.39
C ASP B 4 -18.20 1.43 29.60
N ASN B 5 -17.43 2.44 29.95
CA ASN B 5 -17.52 3.76 29.35
C ASN B 5 -16.56 3.88 28.18
N ILE B 6 -17.08 4.29 27.02
CA ILE B 6 -16.25 4.50 25.85
C ILE B 6 -16.01 6.01 25.71
N GLU B 7 -14.74 6.40 25.72
CA GLU B 7 -14.35 7.80 25.60
C GLU B 7 -14.74 8.35 24.23
N LEU B 8 -15.41 9.51 24.23
CA LEU B 8 -15.86 10.18 23.01
C LEU B 8 -15.10 11.49 22.80
N VAL B 9 -14.64 11.70 21.57
CA VAL B 9 -13.92 12.92 21.20
C VAL B 9 -14.78 13.74 20.20
N ASP B 10 -14.74 15.06 20.34
CA ASP B 10 -15.54 15.93 19.48
C ASP B 10 -14.88 16.45 18.20
N PHE B 11 -15.67 16.60 17.14
CA PHE B 11 -15.16 17.17 15.89
C PHE B 11 -15.84 18.50 15.59
N GLN B 12 -15.23 19.59 16.03
CA GLN B 12 -15.76 20.93 15.78
C GLN B 12 -17.24 21.10 16.17
N ASN B 13 -17.67 20.39 17.21
CA ASN B 13 -19.07 20.48 17.63
C ASN B 13 -20.01 20.23 16.45
N ILE B 14 -19.60 19.36 15.54
CA ILE B 14 -20.43 19.04 14.38
C ILE B 14 -20.90 17.60 14.59
N MET B 15 -19.90 16.74 14.82
CA MET B 15 -20.08 15.30 15.02
C MET B 15 -19.06 14.83 16.07
N PHE B 16 -19.19 13.60 16.56
CA PHE B 16 -18.23 13.07 17.55
C PHE B 16 -17.84 11.63 17.17
N TYR B 17 -16.67 11.19 17.61
CA TYR B 17 -16.25 9.83 17.29
C TYR B 17 -15.84 9.02 18.50
N GLY B 18 -15.91 7.70 18.34
CA GLY B 18 -15.52 6.79 19.39
C GLY B 18 -14.76 5.63 18.79
N ASP B 19 -13.74 5.15 19.49
CA ASP B 19 -12.92 4.04 19.01
C ASP B 19 -13.26 2.72 19.65
N ALA B 20 -13.16 1.66 18.84
CA ALA B 20 -13.43 0.29 19.26
C ALA B 20 -12.57 -0.61 18.38
N GLU B 21 -12.10 -1.73 18.93
CA GLU B 21 -11.28 -2.65 18.14
C GLU B 21 -12.05 -3.85 17.64
N VAL B 22 -11.62 -4.37 16.51
CA VAL B 22 -12.23 -5.54 15.89
C VAL B 22 -11.09 -6.52 15.66
N GLY B 23 -11.43 -7.81 15.70
CA GLY B 23 -10.42 -8.82 15.49
C GLY B 23 -9.71 -9.23 16.76
N ASP B 24 -9.12 -10.43 16.71
CA ASP B 24 -8.39 -10.98 17.84
C ASP B 24 -7.18 -10.09 18.10
N ASN B 25 -6.54 -9.69 17.01
CA ASN B 25 -5.37 -8.83 17.07
C ASN B 25 -5.62 -7.59 17.95
N GLN B 26 -6.89 -7.23 18.09
CA GLN B 26 -7.32 -6.06 18.87
C GLN B 26 -7.30 -4.82 17.96
N GLN B 27 -7.16 -5.05 16.66
CA GLN B 27 -7.12 -4.00 15.63
C GLN B 27 -8.04 -2.82 15.92
N PRO B 28 -7.48 -1.60 16.02
CA PRO B 28 -8.14 -0.31 16.29
C PRO B 28 -8.85 0.39 15.13
N PHE B 29 -9.82 1.24 15.48
CA PHE B 29 -10.60 2.00 14.51
C PHE B 29 -11.31 3.17 15.20
N THR B 30 -11.57 4.22 14.43
CA THR B 30 -12.31 5.37 14.93
C THR B 30 -13.69 5.13 14.30
N PHE B 31 -14.74 5.24 15.10
CA PHE B 31 -16.10 4.97 14.62
C PHE B 31 -17.08 6.10 14.84
N ILE B 32 -18.18 6.02 14.11
CA ILE B 32 -19.28 6.94 14.29
C ILE B 32 -20.26 6.01 14.96
N LEU B 33 -20.59 6.30 16.21
CA LEU B 33 -21.52 5.49 17.00
C LEU B 33 -22.92 5.99 16.63
N ASP B 34 -23.50 5.32 15.65
CA ASP B 34 -24.80 5.68 15.10
C ASP B 34 -25.99 4.96 15.71
N THR B 35 -26.85 5.70 16.40
CA THR B 35 -28.05 5.12 16.99
C THR B 35 -29.09 5.08 15.89
N GLY B 36 -28.73 5.68 14.76
CA GLY B 36 -29.63 5.73 13.62
C GLY B 36 -29.46 4.57 12.66
N SER B 37 -28.56 3.64 12.96
CA SER B 37 -28.34 2.47 12.12
C SER B 37 -28.04 1.26 13.02
N ALA B 38 -28.29 0.06 12.52
CA ALA B 38 -28.05 -1.13 13.32
C ALA B 38 -27.00 -2.09 12.78
N ASN B 39 -25.96 -1.56 12.16
CA ASN B 39 -24.89 -2.39 11.63
C ASN B 39 -23.54 -1.79 11.89
N LEU B 40 -22.57 -2.67 12.14
CA LEU B 40 -21.19 -2.26 12.38
C LEU B 40 -20.38 -2.68 11.18
N TRP B 41 -19.72 -1.72 10.53
CA TRP B 41 -18.89 -2.03 9.37
C TRP B 41 -17.53 -1.37 9.50
N VAL B 42 -16.51 -2.09 9.06
CA VAL B 42 -15.15 -1.59 9.12
C VAL B 42 -14.47 -1.72 7.75
N PRO B 43 -13.59 -0.76 7.39
CA PRO B 43 -12.91 -0.79 6.10
C PRO B 43 -11.89 -1.93 5.98
N SER B 44 -12.13 -2.81 5.02
CA SER B 44 -11.27 -3.97 4.79
C SER B 44 -9.92 -3.62 4.19
N VAL B 45 -8.94 -4.51 4.39
CA VAL B 45 -7.62 -4.32 3.81
C VAL B 45 -7.76 -4.67 2.33
N LYS B 46 -8.89 -5.30 2.00
CA LYS B 46 -9.21 -5.69 0.62
C LYS B 46 -9.80 -4.50 -0.12
N CYS B 47 -10.09 -3.43 0.61
CA CYS B 47 -10.66 -2.23 0.01
C CYS B 47 -9.60 -1.42 -0.73
N THR B 48 -9.84 -1.20 -2.03
CA THR B 48 -8.93 -0.45 -2.88
C THR B 48 -9.23 1.05 -2.87
N THR B 49 -10.51 1.39 -3.04
CA THR B 49 -10.99 2.77 -3.06
C THR B 49 -10.05 3.77 -2.38
N ALA B 50 -9.84 4.91 -3.04
CA ALA B 50 -8.95 5.95 -2.55
C ALA B 50 -9.24 6.35 -1.11
N GLY B 51 -10.53 6.43 -0.76
CA GLY B 51 -10.92 6.82 0.58
C GLY B 51 -10.27 5.89 1.59
N CYS B 52 -10.30 4.60 1.31
CA CYS B 52 -9.71 3.61 2.19
C CYS B 52 -8.25 3.87 2.47
N LEU B 53 -7.54 4.42 1.50
CA LEU B 53 -6.11 4.69 1.68
C LEU B 53 -5.86 5.62 2.87
N THR B 54 -6.91 6.32 3.29
CA THR B 54 -6.85 7.28 4.41
C THR B 54 -7.16 6.66 5.78
N LYS B 55 -7.94 5.58 5.78
CA LYS B 55 -8.39 4.92 7.00
C LYS B 55 -7.62 3.69 7.48
N HIS B 56 -7.93 3.27 8.70
CA HIS B 56 -7.34 2.08 9.31
C HIS B 56 -8.12 0.93 8.70
N LEU B 57 -7.39 -0.04 8.14
CA LEU B 57 -8.01 -1.18 7.49
C LEU B 57 -7.99 -2.45 8.34
N TYR B 58 -9.03 -3.26 8.18
CA TYR B 58 -9.18 -4.50 8.92
C TYR B 58 -8.59 -5.70 8.19
N ASP B 59 -7.64 -6.36 8.85
CA ASP B 59 -6.96 -7.52 8.31
C ASP B 59 -7.54 -8.81 8.91
N SER B 60 -8.64 -9.29 8.34
CA SER B 60 -9.29 -10.49 8.85
C SER B 60 -8.29 -11.63 9.04
N SER B 61 -7.24 -11.61 8.25
CA SER B 61 -6.21 -12.65 8.33
C SER B 61 -5.08 -12.34 9.29
N LYS B 62 -5.43 -11.81 10.46
CA LYS B 62 -4.43 -11.52 11.48
C LYS B 62 -5.16 -11.49 12.81
N SER B 63 -6.24 -12.25 12.84
CA SER B 63 -7.08 -12.39 14.03
C SER B 63 -7.42 -13.87 14.18
N ARG B 64 -6.87 -14.50 15.21
CA ARG B 64 -7.10 -15.92 15.47
C ARG B 64 -8.60 -16.19 15.36
N THR B 65 -9.37 -15.32 16.01
CA THR B 65 -10.82 -15.41 16.05
C THR B 65 -11.61 -15.13 14.77
N TYR B 66 -10.94 -15.05 13.63
CA TYR B 66 -11.67 -14.79 12.40
C TYR B 66 -12.77 -15.86 12.22
N GLU B 67 -13.58 -15.71 11.18
CA GLU B 67 -14.67 -16.64 10.90
C GLU B 67 -15.43 -16.09 9.71
N LYS B 68 -14.94 -16.39 8.50
CA LYS B 68 -15.55 -15.88 7.28
C LYS B 68 -17.05 -16.07 7.12
N ASP B 69 -17.59 -15.32 6.17
CA ASP B 69 -19.01 -15.37 5.85
C ASP B 69 -19.10 -14.86 4.42
N GLY B 70 -18.20 -13.94 4.09
CA GLY B 70 -18.14 -13.36 2.76
C GLY B 70 -19.45 -12.96 2.09
N THR B 71 -20.58 -13.16 2.76
CA THR B 71 -21.87 -12.80 2.17
C THR B 71 -21.94 -11.29 1.95
N LYS B 72 -22.04 -10.92 0.69
CA LYS B 72 -22.12 -9.53 0.31
C LYS B 72 -23.19 -8.77 1.09
N VAL B 73 -22.93 -7.48 1.30
CA VAL B 73 -23.83 -6.58 2.02
C VAL B 73 -23.66 -5.16 1.47
N GLU B 74 -24.72 -4.36 1.60
CA GLU B 74 -24.71 -2.98 1.13
C GLU B 74 -25.51 -2.09 2.10
N MET B 75 -24.81 -1.18 2.77
CA MET B 75 -25.48 -0.27 3.71
C MET B 75 -25.93 1.03 3.05
N ASN B 76 -27.18 1.41 3.29
CA ASN B 76 -27.76 2.61 2.73
C ASN B 76 -28.17 3.61 3.81
N TYR B 77 -27.65 4.83 3.71
CA TYR B 77 -27.95 5.90 4.66
C TYR B 77 -28.42 7.10 3.85
N VAL B 78 -29.03 8.08 4.49
CA VAL B 78 -29.48 9.24 3.76
C VAL B 78 -28.27 9.95 3.13
N SER B 79 -27.11 9.79 3.76
CA SER B 79 -25.87 10.43 3.30
C SER B 79 -24.88 9.55 2.52
N GLY B 80 -25.33 8.40 2.02
CA GLY B 80 -24.41 7.56 1.28
C GLY B 80 -24.55 6.07 1.44
N THR B 81 -23.85 5.35 0.57
CA THR B 81 -23.87 3.89 0.56
C THR B 81 -22.47 3.35 0.80
N VAL B 82 -22.39 2.08 1.17
CA VAL B 82 -21.13 1.42 1.43
C VAL B 82 -21.36 -0.05 1.14
N SER B 83 -20.41 -0.69 0.46
CA SER B 83 -20.52 -2.09 0.11
C SER B 83 -19.40 -2.94 0.71
N GLY B 84 -19.68 -4.22 0.87
CA GLY B 84 -18.70 -5.13 1.45
C GLY B 84 -19.28 -6.52 1.63
N PHE B 85 -18.65 -7.30 2.48
CA PHE B 85 -19.11 -8.66 2.73
C PHE B 85 -19.15 -8.94 4.24
N PHE B 86 -20.09 -9.78 4.66
CA PHE B 86 -20.21 -10.13 6.07
C PHE B 86 -19.07 -10.99 6.59
N SER B 87 -18.69 -10.74 7.83
CA SER B 87 -17.63 -11.49 8.49
C SER B 87 -17.94 -11.45 9.97
N LYS B 88 -17.34 -12.35 10.74
CA LYS B 88 -17.57 -12.40 12.18
C LYS B 88 -16.23 -12.36 12.90
N ASP B 89 -16.20 -11.72 14.06
CA ASP B 89 -14.97 -11.63 14.83
C ASP B 89 -15.18 -10.91 16.18
N LEU B 90 -14.16 -10.99 17.03
CA LEU B 90 -14.20 -10.39 18.36
C LEU B 90 -14.19 -8.86 18.45
N VAL B 91 -15.37 -8.28 18.55
CA VAL B 91 -15.51 -6.84 18.69
C VAL B 91 -15.19 -6.51 20.14
N THR B 92 -14.34 -5.52 20.36
CA THR B 92 -13.95 -5.15 21.72
C THR B 92 -14.25 -3.69 22.03
N VAL B 93 -15.42 -3.43 22.59
CA VAL B 93 -15.83 -2.06 22.93
C VAL B 93 -15.57 -1.68 24.38
N GLY B 94 -14.91 -0.56 24.58
CA GLY B 94 -14.61 -0.13 25.94
C GLY B 94 -13.70 -1.17 26.56
N ASN B 95 -14.22 -1.92 27.52
CA ASN B 95 -13.43 -2.97 28.16
C ASN B 95 -14.12 -4.33 28.06
N LEU B 96 -15.22 -4.40 27.32
CA LEU B 96 -15.94 -5.65 27.12
C LEU B 96 -15.79 -6.11 25.68
N SER B 97 -15.75 -7.41 25.45
CA SER B 97 -15.62 -7.92 24.09
C SER B 97 -16.75 -8.89 23.81
N LEU B 98 -16.83 -9.38 22.58
CA LEU B 98 -17.87 -10.33 22.22
C LEU B 98 -17.81 -10.64 20.74
N PRO B 99 -17.78 -11.91 20.39
CA PRO B 99 -17.73 -12.30 18.98
C PRO B 99 -18.96 -11.72 18.28
N TYR B 100 -18.74 -10.74 17.41
CA TYR B 100 -19.85 -10.09 16.71
C TYR B 100 -19.76 -10.21 15.19
N LYS B 101 -20.93 -10.33 14.54
CA LYS B 101 -21.02 -10.42 13.08
C LYS B 101 -21.13 -9.02 12.49
N PHE B 102 -20.15 -8.63 11.67
CA PHE B 102 -20.16 -7.31 11.04
C PHE B 102 -20.05 -7.32 9.51
N ILE B 103 -19.71 -6.16 8.95
CA ILE B 103 -19.54 -5.99 7.51
C ILE B 103 -18.15 -5.45 7.19
N GLU B 104 -17.38 -6.21 6.42
CA GLU B 104 -16.06 -5.75 6.03
C GLU B 104 -16.33 -4.97 4.75
N VAL B 105 -15.90 -3.71 4.73
CA VAL B 105 -16.14 -2.85 3.56
C VAL B 105 -15.01 -2.81 2.53
N ILE B 106 -15.43 -2.67 1.27
CA ILE B 106 -14.53 -2.64 0.12
C ILE B 106 -14.80 -1.42 -0.78
N ASP B 107 -16.07 -1.14 -1.06
CA ASP B 107 -16.38 0.03 -1.90
C ASP B 107 -16.92 1.20 -1.08
N THR B 108 -16.25 2.33 -1.16
CA THR B 108 -16.63 3.52 -0.40
C THR B 108 -16.91 4.77 -1.24
N ASN B 109 -16.86 4.65 -2.56
CA ASN B 109 -17.07 5.81 -3.41
C ASN B 109 -18.47 6.40 -3.28
N GLY B 110 -19.43 5.57 -2.87
CA GLY B 110 -20.80 6.06 -2.72
C GLY B 110 -20.95 6.82 -1.42
N PHE B 111 -19.87 6.88 -0.64
CA PHE B 111 -19.88 7.57 0.64
C PHE B 111 -18.88 8.73 0.65
N GLU B 112 -18.58 9.22 -0.55
CA GLU B 112 -17.65 10.33 -0.74
C GLU B 112 -18.43 11.55 -1.24
N PRO B 113 -17.87 12.76 -1.05
CA PRO B 113 -16.58 13.04 -0.40
C PRO B 113 -16.59 13.12 1.13
N THR B 114 -17.66 12.65 1.76
CA THR B 114 -17.72 12.68 3.22
C THR B 114 -16.63 11.78 3.81
N TYR B 115 -16.71 10.49 3.47
CA TYR B 115 -15.76 9.51 3.98
C TYR B 115 -14.32 10.02 4.02
N THR B 116 -13.73 10.23 2.85
CA THR B 116 -12.35 10.71 2.79
C THR B 116 -12.14 12.01 3.58
N ALA B 117 -13.14 12.88 3.56
CA ALA B 117 -13.08 14.17 4.25
C ALA B 117 -13.14 14.08 5.77
N SER B 118 -13.71 12.99 6.25
CA SER B 118 -13.86 12.77 7.69
C SER B 118 -12.71 11.94 8.30
N THR B 119 -12.79 11.73 9.62
CA THR B 119 -11.78 11.01 10.37
C THR B 119 -12.09 9.56 10.71
N PHE B 120 -13.36 9.29 11.00
CA PHE B 120 -13.77 7.95 11.35
C PHE B 120 -13.44 6.95 10.24
N ASP B 121 -13.17 5.70 10.62
CA ASP B 121 -12.88 4.63 9.68
C ASP B 121 -14.18 3.91 9.32
N GLY B 122 -15.12 3.90 10.26
CA GLY B 122 -16.40 3.24 10.02
C GLY B 122 -17.55 3.65 10.94
N ILE B 123 -18.67 2.96 10.78
CA ILE B 123 -19.87 3.21 11.56
C ILE B 123 -20.23 2.02 12.44
N LEU B 124 -20.65 2.30 13.66
CA LEU B 124 -21.06 1.27 14.61
C LEU B 124 -22.50 1.55 14.99
N GLY B 125 -23.41 0.65 14.62
CA GLY B 125 -24.82 0.85 14.92
C GLY B 125 -25.23 0.72 16.38
N LEU B 126 -26.43 1.19 16.69
CA LEU B 126 -26.94 1.13 18.05
C LEU B 126 -28.45 1.20 18.04
N GLY B 127 -29.04 0.90 16.88
CA GLY B 127 -30.49 0.93 16.74
C GLY B 127 -31.06 -0.42 17.14
N TRP B 128 -32.27 -0.73 16.68
CA TRP B 128 -32.89 -2.01 17.02
C TRP B 128 -32.67 -3.05 15.91
N LYS B 129 -32.85 -4.33 16.25
CA LYS B 129 -32.66 -5.43 15.30
C LYS B 129 -33.41 -5.30 13.97
N ASP B 130 -34.67 -4.86 14.02
CA ASP B 130 -35.46 -4.69 12.79
C ASP B 130 -34.87 -3.66 11.87
N LEU B 131 -33.90 -2.89 12.38
CA LEU B 131 -33.26 -1.85 11.60
C LEU B 131 -32.01 -2.36 10.89
N SER B 132 -31.42 -3.44 11.43
CA SER B 132 -30.21 -4.01 10.86
C SER B 132 -30.44 -4.84 9.61
N ILE B 133 -29.35 -5.09 8.88
CA ILE B 133 -29.43 -5.91 7.68
C ILE B 133 -28.78 -7.24 8.01
N GLY B 134 -29.51 -8.32 7.73
CA GLY B 134 -29.01 -9.66 8.04
C GLY B 134 -29.29 -9.88 9.53
N SER B 135 -30.39 -9.29 9.98
CA SER B 135 -30.86 -9.35 11.37
C SER B 135 -29.77 -9.70 12.39
N VAL B 136 -29.11 -8.67 12.89
CA VAL B 136 -28.05 -8.83 13.87
C VAL B 136 -28.49 -8.13 15.14
N ASP B 137 -28.67 -8.90 16.20
CA ASP B 137 -29.08 -8.36 17.49
C ASP B 137 -28.03 -7.40 18.02
N PRO B 138 -28.45 -6.18 18.41
CA PRO B 138 -27.53 -5.17 18.93
C PRO B 138 -26.60 -5.62 20.04
N ILE B 139 -25.40 -5.05 20.03
CA ILE B 139 -24.36 -5.37 21.00
C ILE B 139 -24.75 -5.18 22.46
N VAL B 140 -25.43 -4.08 22.78
CA VAL B 140 -25.82 -3.81 24.17
C VAL B 140 -26.81 -4.87 24.68
N VAL B 141 -27.63 -5.37 23.77
CA VAL B 141 -28.58 -6.41 24.12
C VAL B 141 -27.76 -7.70 24.31
N GLU B 142 -26.93 -8.01 23.31
CA GLU B 142 -26.07 -9.18 23.36
C GLU B 142 -25.29 -9.16 24.67
N LEU B 143 -24.53 -8.10 24.90
CA LEU B 143 -23.73 -7.95 26.12
C LEU B 143 -24.54 -8.19 27.39
N LYS B 144 -25.83 -7.87 27.36
CA LYS B 144 -26.68 -8.07 28.53
C LYS B 144 -26.98 -9.55 28.76
N ASN B 145 -27.33 -10.25 27.68
CA ASN B 145 -27.62 -11.67 27.77
C ASN B 145 -26.36 -12.42 28.15
N GLN B 146 -25.23 -11.97 27.62
CA GLN B 146 -23.93 -12.58 27.90
C GLN B 146 -23.63 -12.23 29.36
N ASN B 147 -24.56 -11.51 29.98
CA ASN B 147 -24.44 -11.11 31.37
C ASN B 147 -23.16 -10.36 31.66
N LYS B 148 -22.59 -9.74 30.63
CA LYS B 148 -21.36 -8.98 30.80
C LYS B 148 -21.77 -7.60 31.27
N ILE B 149 -22.92 -7.16 30.76
CA ILE B 149 -23.46 -5.85 31.08
C ILE B 149 -24.65 -6.04 32.03
N GLU B 150 -24.82 -5.10 32.95
CA GLU B 150 -25.88 -5.12 33.96
C GLU B 150 -27.31 -4.86 33.42
N ASN B 151 -27.45 -3.86 32.56
CA ASN B 151 -28.75 -3.53 31.95
C ASN B 151 -28.62 -3.49 30.44
N ALA B 152 -29.69 -3.82 29.72
CA ALA B 152 -29.67 -3.80 28.27
C ALA B 152 -29.97 -2.38 27.76
N LEU B 153 -29.17 -1.42 28.22
CA LEU B 153 -29.32 -0.02 27.83
C LEU B 153 -27.95 0.69 27.69
N PHE B 154 -27.94 1.85 27.04
CA PHE B 154 -26.70 2.61 26.89
C PHE B 154 -26.95 4.11 26.95
N THR B 155 -25.94 4.82 27.43
CA THR B 155 -26.01 6.26 27.61
C THR B 155 -25.15 7.04 26.63
N PHE B 156 -25.52 8.30 26.43
CA PHE B 156 -24.74 9.16 25.56
C PHE B 156 -24.49 10.53 26.13
N TYR B 157 -23.26 10.73 26.57
CA TYR B 157 -22.86 12.02 27.10
C TYR B 157 -21.89 12.58 26.06
N LEU B 158 -22.43 13.33 25.10
CA LEU B 158 -21.65 13.92 24.02
C LEU B 158 -20.68 14.99 24.47
N PRO B 159 -19.56 15.12 23.75
CA PRO B 159 -18.55 16.12 24.06
C PRO B 159 -18.86 17.48 23.45
N VAL B 160 -18.52 18.54 24.18
CA VAL B 160 -18.72 19.90 23.71
C VAL B 160 -17.33 20.45 23.45
N HIS B 161 -17.09 20.79 22.18
CA HIS B 161 -15.81 21.28 21.71
C HIS B 161 -14.76 21.82 22.69
N ASP B 162 -14.97 23.02 23.23
CA ASP B 162 -13.97 23.58 24.15
C ASP B 162 -14.32 23.50 25.62
N LYS B 163 -15.34 22.73 25.97
CA LYS B 163 -15.74 22.64 27.37
C LYS B 163 -15.40 21.33 28.07
N HIS B 164 -15.49 20.21 27.36
CA HIS B 164 -15.19 18.92 27.97
C HIS B 164 -15.21 17.75 26.99
N THR B 165 -14.88 16.57 27.50
CA THR B 165 -14.85 15.37 26.66
C THR B 165 -16.22 14.69 26.77
N GLY B 166 -16.38 13.51 26.16
CA GLY B 166 -17.67 12.85 26.22
C GLY B 166 -17.60 11.36 26.47
N PHE B 167 -18.74 10.73 26.76
CA PHE B 167 -18.79 9.31 27.05
C PHE B 167 -19.99 8.51 26.56
N LEU B 168 -19.72 7.28 26.12
CA LEU B 168 -20.76 6.37 25.71
C LEU B 168 -20.72 5.36 26.86
N THR B 169 -21.84 5.18 27.54
CA THR B 169 -21.85 4.27 28.66
C THR B 169 -22.78 3.08 28.40
N ILE B 170 -22.20 1.88 28.40
CA ILE B 170 -22.98 0.66 28.19
C ILE B 170 -23.22 -0.03 29.52
N GLY B 171 -24.48 -0.39 29.79
CA GLY B 171 -24.80 -1.07 31.04
C GLY B 171 -25.64 -0.31 32.04
N GLY B 172 -25.45 1.00 32.17
CA GLY B 172 -26.25 1.73 33.13
C GLY B 172 -26.20 3.24 33.10
N ILE B 173 -27.04 3.85 33.93
CA ILE B 173 -27.11 5.29 34.02
C ILE B 173 -26.23 5.85 35.13
N GLU B 174 -25.41 6.84 34.78
CA GLU B 174 -24.56 7.45 35.77
C GLU B 174 -25.07 8.86 35.96
N GLU B 175 -25.27 9.25 37.21
CA GLU B 175 -25.81 10.56 37.53
C GLU B 175 -24.86 11.73 37.33
N ARG B 176 -23.61 11.43 37.01
CA ARG B 176 -22.60 12.48 36.80
C ARG B 176 -22.77 13.23 35.49
N PHE B 177 -23.40 12.60 34.49
CA PHE B 177 -23.61 13.19 33.16
C PHE B 177 -24.70 14.24 33.01
N TYR B 178 -25.72 14.16 33.86
CA TYR B 178 -26.80 15.12 33.77
C TYR B 178 -27.18 15.70 35.12
N GLU B 179 -28.07 16.67 35.05
CA GLU B 179 -28.58 17.34 36.22
C GLU B 179 -30.06 17.48 35.90
N GLY B 180 -30.91 17.46 36.92
CA GLY B 180 -32.34 17.57 36.66
C GLY B 180 -32.92 16.19 36.45
N PRO B 181 -34.26 16.06 36.43
CA PRO B 181 -34.90 14.77 36.24
C PRO B 181 -34.67 14.18 34.86
N LEU B 182 -34.75 12.86 34.81
CA LEU B 182 -34.60 12.13 33.56
C LEU B 182 -36.03 11.73 33.19
N THR B 183 -36.51 12.21 32.04
CA THR B 183 -37.86 11.92 31.56
C THR B 183 -37.85 10.79 30.53
N TYR B 184 -38.76 9.84 30.67
CA TYR B 184 -38.81 8.72 29.74
C TYR B 184 -39.90 8.81 28.71
N GLU B 185 -39.52 8.53 27.47
CA GLU B 185 -40.47 8.56 26.38
C GLU B 185 -40.50 7.17 25.74
N LYS B 186 -41.70 6.60 25.68
CA LYS B 186 -41.88 5.27 25.10
C LYS B 186 -41.55 5.37 23.62
N LEU B 187 -41.27 4.23 22.99
CA LEU B 187 -40.92 4.17 21.57
C LEU B 187 -42.12 3.97 20.64
N ASN B 188 -42.03 4.50 19.43
CA ASN B 188 -43.08 4.35 18.42
C ASN B 188 -42.98 2.91 17.92
N HIS B 189 -41.76 2.50 17.57
CA HIS B 189 -41.47 1.16 17.06
C HIS B 189 -40.06 0.80 17.47
N ASP B 190 -39.81 -0.51 17.63
CA ASP B 190 -38.47 -0.98 18.00
C ASP B 190 -37.66 -1.04 16.70
N LEU B 191 -37.35 0.13 16.16
CA LEU B 191 -36.59 0.27 14.92
C LEU B 191 -35.51 1.31 15.23
N TYR B 192 -35.88 2.58 15.07
CA TYR B 192 -34.99 3.69 15.38
C TYR B 192 -35.35 4.02 16.81
N TRP B 193 -34.53 4.84 17.46
CA TRP B 193 -34.87 5.25 18.79
C TRP B 193 -35.78 6.43 18.48
N GLN B 194 -36.98 6.08 17.99
CA GLN B 194 -38.00 7.04 17.59
C GLN B 194 -39.15 7.14 18.60
N ILE B 195 -39.51 8.35 18.98
CA ILE B 195 -40.56 8.61 19.96
C ILE B 195 -41.50 9.71 19.45
N THR B 196 -42.74 9.72 19.93
CA THR B 196 -43.67 10.73 19.47
C THR B 196 -43.66 11.96 20.35
N LEU B 197 -43.46 13.12 19.74
CA LEU B 197 -43.43 14.38 20.47
C LEU B 197 -44.17 15.42 19.65
N ASP B 198 -44.53 16.51 20.31
CA ASP B 198 -45.22 17.62 19.65
C ASP B 198 -44.11 18.58 19.23
N ALA B 199 -43.99 18.83 17.93
CA ALA B 199 -42.94 19.72 17.41
C ALA B 199 -43.46 21.14 17.28
N HIS B 200 -42.88 22.05 18.05
CA HIS B 200 -43.32 23.44 18.04
C HIS B 200 -42.23 24.49 17.78
N VAL B 201 -42.47 25.36 16.83
CA VAL B 201 -41.57 26.45 16.50
C VAL B 201 -42.44 27.68 16.22
N GLY B 202 -42.78 28.42 17.27
CA GLY B 202 -43.64 29.57 17.11
C GLY B 202 -45.07 29.09 16.97
N ASN B 203 -45.72 29.47 15.87
CA ASN B 203 -47.08 29.06 15.61
C ASN B 203 -47.06 27.78 14.77
N ILE B 204 -45.88 27.40 14.33
CA ILE B 204 -45.73 26.18 13.53
C ILE B 204 -45.78 24.96 14.44
N MET B 205 -46.94 24.34 14.53
CA MET B 205 -47.11 23.15 15.37
C MET B 205 -47.24 21.94 14.46
N LEU B 206 -46.74 20.81 14.95
CA LEU B 206 -46.83 19.56 14.21
C LEU B 206 -47.06 18.47 15.26
N GLU B 207 -48.23 18.53 15.90
CA GLU B 207 -48.60 17.59 16.94
C GLU B 207 -48.28 16.13 16.65
N LYS B 208 -47.92 15.40 17.70
CA LYS B 208 -47.58 13.97 17.63
C LYS B 208 -46.66 13.62 16.47
N ALA B 209 -45.51 14.28 16.40
CA ALA B 209 -44.57 14.02 15.33
C ALA B 209 -43.60 12.89 15.67
N ASN B 210 -43.17 12.19 14.63
CA ASN B 210 -42.21 11.11 14.81
C ASN B 210 -40.85 11.79 14.97
N CYS B 211 -40.16 11.50 16.07
CA CYS B 211 -38.83 12.08 16.31
C CYS B 211 -37.81 10.97 16.48
N ILE B 212 -36.69 11.05 15.75
CA ILE B 212 -35.66 10.04 15.84
C ILE B 212 -34.42 10.63 16.50
N VAL B 213 -33.97 10.03 17.59
CA VAL B 213 -32.79 10.53 18.27
C VAL B 213 -31.60 9.84 17.60
N ASP B 214 -30.98 10.54 16.66
CA ASP B 214 -29.87 9.98 15.90
C ASP B 214 -28.51 10.56 16.29
N SER B 215 -27.70 9.78 17.00
CA SER B 215 -26.38 10.24 17.38
C SER B 215 -25.47 10.30 16.14
N GLY B 216 -25.91 9.66 15.06
CA GLY B 216 -25.16 9.64 13.81
C GLY B 216 -25.56 10.73 12.80
N THR B 217 -26.42 11.66 13.20
CA THR B 217 -26.88 12.78 12.36
C THR B 217 -26.33 14.10 12.93
N SER B 218 -25.63 14.88 12.09
CA SER B 218 -25.03 16.13 12.53
C SER B 218 -25.95 17.34 12.46
N ALA B 219 -27.18 17.13 12.02
CA ALA B 219 -28.11 18.23 11.92
C ALA B 219 -29.42 17.95 12.62
N ILE B 220 -30.29 18.94 12.64
CA ILE B 220 -31.62 18.78 13.19
C ILE B 220 -32.48 18.71 11.93
N THR B 221 -33.05 17.54 11.68
CA THR B 221 -33.89 17.33 10.52
C THR B 221 -35.35 17.62 10.80
N VAL B 222 -35.94 18.43 9.93
CA VAL B 222 -37.31 18.83 10.07
C VAL B 222 -37.97 18.50 8.73
N PRO B 223 -39.30 18.31 8.71
CA PRO B 223 -39.90 18.00 7.40
C PRO B 223 -39.82 19.26 6.53
N THR B 224 -39.79 19.06 5.21
CA THR B 224 -39.69 20.14 4.23
C THR B 224 -40.63 21.34 4.35
N ASP B 225 -41.93 21.09 4.45
CA ASP B 225 -42.87 22.20 4.56
C ASP B 225 -42.75 22.90 5.92
N PHE B 226 -42.26 22.17 6.92
CA PHE B 226 -42.09 22.74 8.23
C PHE B 226 -40.94 23.76 8.12
N LEU B 227 -39.90 23.36 7.40
CA LEU B 227 -38.75 24.23 7.18
C LEU B 227 -39.14 25.47 6.42
N ASN B 228 -39.98 25.31 5.39
CA ASN B 228 -40.42 26.45 4.59
C ASN B 228 -41.28 27.41 5.42
N LYS B 229 -42.16 26.86 6.26
CA LYS B 229 -42.99 27.71 7.10
C LYS B 229 -42.15 28.53 8.08
N MET B 230 -41.19 27.91 8.76
CA MET B 230 -40.40 28.68 9.69
C MET B 230 -39.43 29.64 8.99
N LEU B 231 -39.08 29.34 7.74
CA LEU B 231 -38.18 30.22 7.00
C LEU B 231 -38.91 31.52 6.69
N GLN B 232 -40.22 31.43 6.47
CA GLN B 232 -41.08 32.58 6.17
C GLN B 232 -40.74 33.78 7.03
N ASN B 233 -40.85 33.61 8.34
CA ASN B 233 -40.53 34.67 9.27
C ASN B 233 -39.10 34.44 9.73
N LEU B 234 -38.16 34.80 8.87
CA LEU B 234 -36.74 34.62 9.18
C LEU B 234 -35.90 35.15 8.03
N ASP B 235 -34.89 35.93 8.37
CA ASP B 235 -34.01 36.51 7.36
C ASP B 235 -32.68 35.77 7.33
N VAL B 236 -32.53 34.90 6.33
CA VAL B 236 -31.31 34.13 6.19
C VAL B 236 -30.93 34.05 4.72
N ILE B 237 -29.66 33.75 4.46
CA ILE B 237 -29.15 33.67 3.10
C ILE B 237 -29.04 32.24 2.60
N LYS B 238 -29.74 31.91 1.52
CA LYS B 238 -29.66 30.56 0.97
C LYS B 238 -28.43 30.41 0.08
N VAL B 239 -27.85 29.21 0.07
CA VAL B 239 -26.67 28.93 -0.74
C VAL B 239 -27.08 28.54 -2.17
N PRO B 240 -26.56 29.24 -3.17
CA PRO B 240 -26.89 28.95 -4.58
C PRO B 240 -27.00 27.47 -4.91
N PHE B 241 -28.25 27.06 -5.17
CA PHE B 241 -28.61 25.70 -5.51
C PHE B 241 -28.14 24.61 -4.54
N LEU B 242 -28.39 24.85 -3.25
CA LEU B 242 -28.07 23.93 -2.15
C LEU B 242 -29.10 24.21 -1.08
N PRO B 243 -29.55 23.17 -0.36
CA PRO B 243 -30.55 23.38 0.68
C PRO B 243 -29.96 23.89 1.99
N PHE B 244 -29.01 24.83 1.92
CA PHE B 244 -28.38 25.36 3.11
C PHE B 244 -28.56 26.87 3.24
N TYR B 245 -28.45 27.37 4.48
CA TYR B 245 -28.60 28.81 4.73
C TYR B 245 -27.54 29.37 5.67
N VAL B 246 -27.05 30.57 5.35
CA VAL B 246 -26.04 31.26 6.17
C VAL B 246 -26.73 32.30 7.04
N THR B 247 -26.25 32.46 8.28
CA THR B 247 -26.82 33.40 9.25
C THR B 247 -25.78 33.89 10.23
N LEU B 248 -26.08 35.00 10.90
CA LEU B 248 -25.21 35.52 11.95
C LEU B 248 -25.64 34.60 13.11
N CYS B 249 -24.69 34.03 13.85
CA CYS B 249 -25.09 33.14 14.95
C CYS B 249 -25.84 33.90 16.03
N ASN B 250 -25.83 35.23 15.95
CA ASN B 250 -26.54 36.04 16.93
C ASN B 250 -27.88 36.55 16.39
N ASN B 251 -28.27 36.11 15.20
CA ASN B 251 -29.55 36.49 14.60
C ASN B 251 -30.59 36.29 15.69
N SER B 252 -31.37 37.32 15.96
CA SER B 252 -32.40 37.28 17.00
C SER B 252 -33.66 36.48 16.65
N LYS B 253 -34.08 36.55 15.38
CA LYS B 253 -35.26 35.83 14.92
C LYS B 253 -35.06 34.34 14.67
N LEU B 254 -33.89 33.83 15.04
CA LEU B 254 -33.61 32.41 14.87
C LEU B 254 -34.49 31.69 15.87
N PRO B 255 -35.27 30.72 15.39
CA PRO B 255 -36.18 29.93 16.21
C PRO B 255 -35.56 29.00 17.26
N THR B 256 -36.39 28.65 18.24
CA THR B 256 -36.02 27.74 19.32
C THR B 256 -37.00 26.59 19.25
N PHE B 257 -36.50 25.37 18.99
CA PHE B 257 -37.39 24.22 18.90
C PHE B 257 -37.98 23.89 20.24
N GLU B 258 -39.20 23.36 20.21
CA GLU B 258 -39.90 22.97 21.39
C GLU B 258 -40.63 21.68 21.11
N PHE B 259 -40.26 20.66 21.86
CA PHE B 259 -40.86 19.34 21.72
C PHE B 259 -41.44 19.03 23.07
N THR B 260 -42.69 18.58 23.11
CA THR B 260 -43.31 18.28 24.37
C THR B 260 -44.11 16.99 24.32
N SER B 261 -44.36 16.43 25.49
CA SER B 261 -45.13 15.21 25.66
C SER B 261 -45.88 15.41 26.97
N GLU B 262 -46.64 14.41 27.41
CA GLU B 262 -47.34 14.57 28.67
C GLU B 262 -46.26 14.65 29.74
N ASN B 263 -45.19 13.89 29.51
CA ASN B 263 -44.06 13.75 30.42
C ASN B 263 -43.01 14.85 30.51
N GLY B 264 -42.79 15.60 29.44
CA GLY B 264 -41.79 16.63 29.52
C GLY B 264 -41.70 17.57 28.35
N LYS B 265 -41.04 18.71 28.56
CA LYS B 265 -40.83 19.72 27.54
C LYS B 265 -39.32 19.86 27.28
N TYR B 266 -38.94 19.81 26.01
CA TYR B 266 -37.54 19.92 25.63
C TYR B 266 -37.38 21.10 24.69
N THR B 267 -36.29 21.82 24.81
CA THR B 267 -36.08 22.94 23.91
C THR B 267 -34.69 22.94 23.33
N LEU B 268 -34.56 23.41 22.09
CA LEU B 268 -33.26 23.48 21.45
C LEU B 268 -33.09 24.85 20.83
N GLU B 269 -32.27 25.67 21.49
CA GLU B 269 -32.03 27.02 21.00
C GLU B 269 -30.95 26.99 19.92
N PRO B 270 -30.86 28.07 19.11
CA PRO B 270 -29.90 28.21 18.02
C PRO B 270 -28.45 28.03 18.41
N GLU B 271 -28.14 28.31 19.65
CA GLU B 271 -26.79 28.16 20.15
C GLU B 271 -26.34 26.72 19.98
N TYR B 272 -27.31 25.82 19.95
CA TYR B 272 -27.04 24.39 19.86
C TYR B 272 -27.08 23.72 18.51
N TYR B 273 -27.90 24.22 17.58
CA TYR B 273 -28.00 23.58 16.30
C TYR B 273 -27.24 24.32 15.21
N LEU B 274 -27.03 25.61 15.40
CA LEU B 274 -26.26 26.40 14.42
C LEU B 274 -24.86 25.79 14.23
N GLN B 275 -24.34 25.87 13.01
CA GLN B 275 -23.01 25.33 12.70
C GLN B 275 -22.07 26.49 12.40
N HIS B 276 -21.22 26.85 13.34
CA HIS B 276 -20.31 27.97 13.13
C HIS B 276 -19.44 27.87 11.89
N ILE B 277 -19.28 29.01 11.23
CA ILE B 277 -18.54 29.15 9.99
C ILE B 277 -17.53 30.31 10.11
N GLU B 278 -16.87 30.37 11.27
CA GLU B 278 -15.90 31.42 11.56
C GLU B 278 -14.84 31.61 10.48
N ASP B 279 -14.37 30.49 9.91
CA ASP B 279 -13.33 30.55 8.89
C ASP B 279 -13.81 31.03 7.52
N VAL B 280 -15.06 31.46 7.46
CA VAL B 280 -15.68 31.99 6.24
C VAL B 280 -16.05 33.43 6.58
N GLY B 281 -16.67 33.61 7.73
CA GLY B 281 -17.06 34.93 8.17
C GLY B 281 -17.13 34.97 9.69
N PRO B 282 -16.77 36.12 10.30
CA PRO B 282 -16.75 36.39 11.74
C PRO B 282 -17.96 35.98 12.59
N GLY B 283 -19.14 36.52 12.32
CA GLY B 283 -20.24 36.10 13.16
C GLY B 283 -21.13 35.09 12.46
N LEU B 284 -20.52 34.30 11.58
CA LEU B 284 -21.27 33.33 10.78
C LEU B 284 -21.34 31.92 11.33
N CYS B 285 -22.22 31.15 10.69
CA CYS B 285 -22.50 29.74 10.96
C CYS B 285 -23.63 29.42 9.99
N MET B 286 -23.90 28.12 9.81
CA MET B 286 -24.95 27.64 8.92
C MET B 286 -26.19 27.36 9.76
N LEU B 287 -27.37 27.52 9.18
CA LEU B 287 -28.62 27.27 9.93
C LEU B 287 -28.57 25.87 10.54
N ASN B 288 -28.30 24.89 9.69
CA ASN B 288 -28.19 23.49 10.09
C ASN B 288 -29.51 22.82 10.41
N ILE B 289 -30.58 23.32 9.81
CA ILE B 289 -31.90 22.73 9.97
C ILE B 289 -32.17 22.33 8.53
N ILE B 290 -32.14 21.03 8.29
CA ILE B 290 -32.33 20.46 6.96
C ILE B 290 -33.69 19.85 6.79
N GLY B 291 -34.39 20.26 5.73
CA GLY B 291 -35.70 19.69 5.48
C GLY B 291 -35.50 18.31 4.90
N LEU B 292 -36.14 17.31 5.48
CA LEU B 292 -36.04 15.93 5.01
C LEU B 292 -37.38 15.25 5.21
N ASP B 293 -38.09 15.02 4.12
CA ASP B 293 -39.41 14.40 4.16
C ASP B 293 -39.40 12.89 4.26
N PHE B 294 -40.19 12.38 5.20
CA PHE B 294 -40.32 10.94 5.43
C PHE B 294 -41.74 10.53 5.10
N PRO B 295 -41.95 9.23 4.87
CA PRO B 295 -43.30 8.75 4.55
C PRO B 295 -44.23 9.18 5.69
N VAL B 296 -43.63 9.34 6.86
CA VAL B 296 -44.32 9.77 8.08
C VAL B 296 -43.62 11.04 8.54
N PRO B 297 -44.36 12.16 8.66
CA PRO B 297 -43.71 13.40 9.11
C PRO B 297 -42.78 13.12 10.30
N THR B 298 -41.48 13.25 10.05
CA THR B 298 -40.46 12.97 11.05
C THR B 298 -39.41 14.08 11.27
N PHE B 299 -38.85 14.10 12.47
CA PHE B 299 -37.80 15.02 12.85
C PHE B 299 -36.66 14.14 13.28
N ILE B 300 -35.44 14.52 12.95
CA ILE B 300 -34.31 13.73 13.38
C ILE B 300 -33.55 14.56 14.38
N LEU B 301 -33.79 14.29 15.65
CA LEU B 301 -33.08 15.00 16.70
C LEU B 301 -31.67 14.46 16.65
N GLY B 302 -30.79 15.21 15.98
CA GLY B 302 -29.41 14.78 15.85
C GLY B 302 -28.50 15.28 16.95
N ASP B 303 -27.21 15.23 16.66
CA ASP B 303 -26.16 15.65 17.58
C ASP B 303 -26.44 16.99 18.29
N PRO B 304 -27.02 17.98 17.57
CA PRO B 304 -27.30 19.26 18.23
C PRO B 304 -28.16 19.06 19.49
N PHE B 305 -29.18 18.22 19.37
CA PHE B 305 -30.08 17.92 20.47
C PHE B 305 -29.34 17.12 21.56
N MET B 306 -28.61 16.11 21.12
CA MET B 306 -27.87 15.26 22.04
C MET B 306 -26.73 16.01 22.74
N ARG B 307 -26.15 16.98 22.06
CA ARG B 307 -25.05 17.73 22.65
C ARG B 307 -25.54 18.51 23.86
N LYS B 308 -26.85 18.71 23.95
CA LYS B 308 -27.42 19.45 25.06
C LYS B 308 -28.15 18.54 26.04
N TYR B 309 -28.80 17.51 25.50
CA TYR B 309 -29.55 16.59 26.34
C TYR B 309 -28.88 15.24 26.50
N PHE B 310 -28.57 14.90 27.74
CA PHE B 310 -28.00 13.60 28.02
C PHE B 310 -29.18 12.67 27.74
N THR B 311 -28.96 11.72 26.86
CA THR B 311 -30.00 10.78 26.48
C THR B 311 -29.71 9.38 26.97
N VAL B 312 -30.75 8.59 27.18
CA VAL B 312 -30.64 7.22 27.65
C VAL B 312 -31.45 6.29 26.72
N PHE B 313 -30.82 5.23 26.21
CA PHE B 313 -31.52 4.32 25.32
C PHE B 313 -31.73 2.96 25.99
N ASP B 314 -32.98 2.70 26.39
CA ASP B 314 -33.36 1.48 27.10
C ASP B 314 -33.94 0.43 26.18
N TYR B 315 -33.21 -0.67 26.00
CA TYR B 315 -33.70 -1.75 25.15
C TYR B 315 -34.74 -2.52 25.97
N ASP B 316 -34.41 -2.81 27.21
CA ASP B 316 -35.30 -3.54 28.11
C ASP B 316 -36.68 -2.89 28.20
N ASN B 317 -36.71 -1.58 28.46
CA ASN B 317 -37.98 -0.88 28.60
C ASN B 317 -38.51 -0.13 27.40
N HIS B 318 -37.85 -0.28 26.25
CA HIS B 318 -38.25 0.38 25.01
C HIS B 318 -38.45 1.87 25.24
N SER B 319 -37.47 2.52 25.83
CA SER B 319 -37.59 3.93 26.11
C SER B 319 -36.35 4.75 25.81
N VAL B 320 -36.56 6.06 25.84
CA VAL B 320 -35.49 7.02 25.63
C VAL B 320 -35.59 7.92 26.85
N GLY B 321 -34.50 8.03 27.56
CA GLY B 321 -34.47 8.90 28.72
C GLY B 321 -33.85 10.18 28.23
N ILE B 322 -34.35 11.30 28.71
CA ILE B 322 -33.85 12.60 28.32
C ILE B 322 -33.67 13.46 29.57
N ALA B 323 -32.44 13.95 29.76
CA ALA B 323 -32.15 14.84 30.88
C ALA B 323 -31.14 15.88 30.40
N LEU B 324 -31.16 17.05 31.02
CA LEU B 324 -30.24 18.10 30.62
C LEU B 324 -28.85 17.65 31.01
N ALA B 325 -27.95 17.59 30.02
CA ALA B 325 -26.57 17.19 30.28
C ALA B 325 -25.85 18.37 30.91
N LYS B 326 -24.94 18.09 31.83
CA LYS B 326 -24.20 19.17 32.48
C LYS B 326 -22.88 19.43 31.75
N LYS B 327 -22.20 20.52 32.12
CA LYS B 327 -20.91 20.86 31.52
C LYS B 327 -19.79 20.78 32.57
N ASN B 328 -19.82 19.73 33.38
CA ASN B 328 -18.83 19.58 34.43
C ASN B 328 -17.70 18.62 34.13
N LEU B 329 -16.48 19.13 34.33
CA LEU B 329 -15.24 18.39 34.09
C LEU B 329 -14.90 17.57 35.35
C57 IVS C . 18.59 -16.75 -14.44
O56 IVS C . 19.09 -15.43 -14.81
C53 IVS C . 18.73 -15.01 -16.05
O75 IVS C . 17.94 -15.70 -16.71
C52 IVS C . 19.49 -14.00 -16.81
C51 IVS C . 21.03 -14.19 -16.83
O72 IVS C . 21.69 -12.92 -16.52
C23 IVS C . 21.55 -14.69 -18.24
C58 IVS C . 23.08 -14.85 -18.29
N22 IVS C . 21.14 -13.75 -19.29
C21 IVS C . 20.63 -14.21 -20.41
O19 IVS C . 20.23 -15.37 -20.56
C20 IVS C . 20.57 -13.20 -21.57
N19 IVS C . 21.59 -13.66 -22.55
C18 IVS C . 22.56 -12.85 -23.00
O36 IVS C . 22.70 -11.67 -22.67
C17 IVS C . 23.52 -13.49 -23.99
N16 IVS C . 23.50 -12.53 -25.10
C12 IVS C . 22.97 -12.97 -26.28
O15 IVS C . 22.51 -14.12 -26.48
C10 IVS C . 22.96 -11.92 -27.36
C2 IVS C . 21.57 -11.36 -27.68
C6 IVS C . 20.88 -10.81 -26.43
C76 IVS C . 18.77 -17.00 -12.94
C60 IVS C . 23.52 -16.30 -18.52
C67 IVS C . 22.98 -16.90 -19.82
C63 IVS C . 25.01 -16.35 -18.56
C38 IVS C . 19.12 -13.16 -22.19
C40 IVS C . 18.10 -12.69 -21.14
C44 IVS C . 19.04 -12.17 -23.36
C25 IVS C . 24.94 -13.69 -23.36
C27 IVS C . 24.87 -14.65 -22.21
C31 IVS C . 25.87 -14.28 -24.36
C1 IVS C . 21.76 -10.32 -28.79
C57 IVS D . -30.58 4.19 8.03
O56 IVS D . -29.70 5.24 8.54
C53 IVS D . -30.18 6.51 8.46
O75 IVS D . -31.34 6.69 8.07
C52 IVS D . -29.31 7.67 8.44
C51 IVS D . -27.99 7.52 9.27
O72 IVS D . -28.26 7.77 10.72
C23 IVS D . -26.91 8.55 8.77
C58 IVS D . -25.57 8.52 9.52
N22 IVS D . -27.45 9.90 8.86
C21 IVS D . -27.55 10.61 7.79
O19 IVS D . -27.52 10.14 6.64
C20 IVS D . -27.71 12.10 8.04
N19 IVS D . -26.47 12.66 7.52
C18 IVS D . -25.69 13.37 8.31
O36 IVS D . -25.95 13.65 9.49
C17 IVS D . -24.40 13.88 7.68
N16 IVS D . -24.55 15.33 7.71
C12 IVS D . -24.55 16.00 6.53
O15 IVS D . -24.41 15.48 5.42
C10 IVS D . -24.73 17.48 6.68
C2 IVS D . -26.14 17.97 6.34
C6 IVS D . -27.20 17.25 7.15
C76 IVS D . -29.88 2.82 8.09
C60 IVS D . -24.45 7.97 8.64
C67 IVS D . -24.27 8.76 7.35
C63 IVS D . -23.16 8.00 9.43
C38 IVS D . -28.99 12.67 7.31
C40 IVS D . -30.26 12.02 7.87
C44 IVS D . -29.11 14.17 7.54
C25 IVS D . -23.18 13.38 8.48
C27 IVS D . -23.08 11.88 8.45
C31 IVS D . -21.95 13.88 7.85
C1 IVS D . -26.13 19.47 6.56
#